data_8OYP
#
_entry.id   8OYP
#
_cell.length_a   94.321
_cell.length_b   186.102
_cell.length_c   75.761
_cell.angle_alpha   90.000
_cell.angle_beta   90.000
_cell.angle_gamma   90.000
#
_symmetry.space_group_name_H-M   'P 21 21 2'
#
loop_
_entity.id
_entity.type
_entity.pdbx_description
1 polymer 'Ubiquitin carboxyl-terminal hydrolase 11,Response regulator FrzS'
2 polymer Polyubiquitin-B
3 non-polymer 'CADMIUM ION'
4 non-polymer 'CHLORIDE ION'
5 non-polymer 'NITRATE ION'
6 non-polymer 'PHOSPHATE ION'
7 non-polymer GLYCEROL
8 water water
#
loop_
_entity_poly.entity_id
_entity_poly.type
_entity_poly.pdbx_seq_one_letter_code
_entity_poly.pdbx_strand_id
1 'polypeptide(L)'
;MSEEDEDFKGQPGICGLTNLGNTSFMNSALQCLSNVPQLTEYFLNN(CSU)YLEELNFRNPLGMKGEIAEAYADLVKQAW
SGHHRSIVPHVFKNKVGHFASQFLGYQQHDSQELLSFLLDGLHEDLNRVKKKEYVELCDAAGRPDQEVAQEAWQNHKRRN
DSVIVDTFHGLFKSTLVCPDCGNVSVTFDPFCYLSVPLPGAKKILIVESDTALSATLRSALEGRGFTVDETTDGKGSVEQ
IRRDRPDLVVLAVDLSAGQNGYLICGKLKKDDDLKNVPIVIIGNPDGFAQHRALSAHADEYVAKPVDADQLVERAGALIG
FPPVRLQECIELFTTVETLEKENPWYCPSCKQHQLATKKLDLWMLPEILIIHLKRFSYTKFSREKLDTLVEFPIRDLDFS
EFVIQPQNESNPELYKYDLIAVSNHYGGMRDGHYTTFACNKDSGQWHYFDDNSVSPVNENQIESKAAYVLFYQRQDVARR
LLEHHHHHH
;
A,B
2 'polypeptide(L)' MQIFVKTLTGKTITLEVEPSDTIENVKAKIQDKEGIPPDQQRLIFAGKQLEDGRTLSDYNIQKESTLHLVLRLRGGGGG C,D
#
# COMPACT_ATOMS: atom_id res chain seq x y z
N PHE A 8 -35.74 -6.42 41.50
CA PHE A 8 -35.12 -5.57 42.53
C PHE A 8 -34.31 -4.45 41.90
N LYS A 9 -33.84 -3.53 42.73
CA LYS A 9 -32.93 -2.47 42.27
C LYS A 9 -31.50 -2.87 42.67
N GLY A 10 -30.80 -3.52 41.73
CA GLY A 10 -29.40 -3.86 41.91
C GLY A 10 -28.46 -2.75 41.45
N GLN A 11 -27.20 -2.97 41.68
CA GLN A 11 -26.25 -1.97 41.22
C GLN A 11 -25.83 -2.29 39.80
N PRO A 12 -25.77 -1.29 38.90
CA PRO A 12 -25.46 -1.57 37.49
C PRO A 12 -24.12 -2.27 37.35
N GLY A 13 -24.09 -3.29 36.52
CA GLY A 13 -22.90 -4.09 36.36
C GLY A 13 -22.67 -5.15 37.42
N ILE A 14 -23.34 -5.05 38.57
CA ILE A 14 -23.28 -6.06 39.60
C ILE A 14 -24.43 -7.03 39.35
N CYS A 15 -24.17 -7.99 38.48
CA CYS A 15 -25.22 -8.87 37.97
C CYS A 15 -24.58 -10.20 37.63
N GLY A 16 -25.19 -11.30 38.12
CA GLY A 16 -24.67 -12.62 37.80
C GLY A 16 -25.19 -13.15 36.46
N LEU A 17 -24.67 -14.30 36.06
CA LEU A 17 -25.06 -14.98 34.83
C LEU A 17 -25.34 -16.46 35.12
N THR A 18 -26.55 -16.87 34.84
CA THR A 18 -26.92 -18.27 35.03
C THR A 18 -26.16 -19.19 34.10
N ASN A 19 -25.75 -20.33 34.63
CA ASN A 19 -25.11 -21.36 33.83
C ASN A 19 -26.18 -22.10 33.02
N LEU A 20 -25.93 -22.22 31.72
CA LEU A 20 -26.83 -22.85 30.78
C LEU A 20 -26.46 -24.30 30.47
N GLY A 21 -25.52 -24.85 31.22
CA GLY A 21 -24.99 -26.20 31.00
C GLY A 21 -23.55 -26.19 30.48
N ASN A 22 -22.62 -26.30 31.44
CA ASN A 22 -21.19 -26.19 31.19
C ASN A 22 -20.84 -24.88 30.48
N THR A 23 -21.48 -23.78 30.87
CA THR A 23 -21.16 -22.50 30.23
C THR A 23 -20.43 -21.50 31.13
N SER A 24 -19.78 -21.95 32.19
CA SER A 24 -19.07 -21.02 33.06
C SER A 24 -17.93 -20.31 32.30
N PHE A 25 -17.33 -20.95 31.30
CA PHE A 25 -16.31 -20.27 30.49
C PHE A 25 -16.88 -19.06 29.74
N MET A 26 -18.11 -19.18 29.24
CA MET A 26 -18.75 -18.06 28.56
C MET A 26 -19.08 -16.96 29.54
N ASN A 27 -19.64 -17.34 30.71
CA ASN A 27 -20.01 -16.33 31.69
C ASN A 27 -18.77 -15.56 32.14
N SER A 28 -17.67 -16.28 32.34
CA SER A 28 -16.43 -15.64 32.78
C SER A 28 -15.93 -14.65 31.74
N ALA A 29 -15.86 -15.09 30.48
CA ALA A 29 -15.47 -14.12 29.46
C ALA A 29 -16.39 -12.91 29.48
N LEU A 30 -17.71 -13.16 29.54
CA LEU A 30 -18.68 -12.06 29.49
C LEU A 30 -18.47 -11.06 30.64
N GLN A 31 -18.18 -11.55 31.85
CA GLN A 31 -17.94 -10.66 32.98
C GLN A 31 -16.68 -9.85 32.81
N CYS A 32 -15.67 -10.43 32.19
CA CYS A 32 -14.49 -9.63 31.88
C CYS A 32 -14.88 -8.47 30.96
N LEU A 33 -15.58 -8.77 29.86
CA LEU A 33 -15.92 -7.74 28.86
C LEU A 33 -16.89 -6.70 29.41
N SER A 34 -17.84 -7.11 30.23
CA SER A 34 -18.84 -6.19 30.74
C SER A 34 -18.18 -5.06 31.49
N ASN A 35 -16.99 -5.30 32.01
CA ASN A 35 -16.28 -4.32 32.80
C ASN A 35 -15.12 -3.68 32.07
N VAL A 36 -15.15 -3.71 30.73
CA VAL A 36 -14.31 -2.86 29.91
C VAL A 36 -15.06 -1.56 29.63
N PRO A 37 -14.66 -0.44 30.19
CA PRO A 37 -15.55 0.75 30.20
C PRO A 37 -15.94 1.26 28.84
N GLN A 38 -14.99 1.40 27.90
CA GLN A 38 -15.32 2.01 26.63
C GLN A 38 -16.20 1.13 25.77
N LEU A 39 -16.02 -0.17 25.86
CA LEU A 39 -16.92 -1.09 25.17
C LEU A 39 -18.33 -0.98 25.72
N THR A 40 -18.48 -1.03 27.04
CA THR A 40 -19.81 -1.01 27.61
C THR A 40 -20.51 0.30 27.29
N GLU A 41 -19.81 1.43 27.42
CA GLU A 41 -20.40 2.71 27.02
C GLU A 41 -20.75 2.75 25.52
N TYR A 42 -19.88 2.22 24.66
CA TYR A 42 -20.21 2.15 23.25
C TYR A 42 -21.54 1.43 23.02
N PHE A 43 -21.81 0.41 23.80
CA PHE A 43 -23.04 -0.34 23.59
C PHE A 43 -24.24 0.27 24.31
N LEU A 44 -24.05 0.90 25.47
CA LEU A 44 -25.15 1.54 26.19
C LEU A 44 -25.64 2.80 25.49
N ASN A 45 -24.80 3.47 24.74
CA ASN A 45 -25.17 4.67 23.99
C ASN A 45 -25.62 4.35 22.58
N ASN A 46 -25.77 3.07 22.24
CA ASN A 46 -26.27 2.66 20.94
C ASN A 46 -25.36 3.10 19.80
N TYR A 48 -23.25 1.37 18.50
CA TYR A 48 -23.13 0.20 17.65
C TYR A 48 -24.16 0.14 16.54
N LEU A 49 -25.27 0.82 16.71
CA LEU A 49 -26.32 0.69 15.71
C LEU A 49 -25.87 1.27 14.38
N GLU A 50 -25.05 2.33 14.40
CA GLU A 50 -24.63 3.01 13.17
C GLU A 50 -23.50 2.29 12.45
N GLU A 51 -22.87 1.33 13.12
CA GLU A 51 -21.72 0.62 12.58
C GLU A 51 -22.01 -0.85 12.33
N LEU A 52 -23.26 -1.28 12.47
CA LEU A 52 -23.61 -2.65 12.13
C LEU A 52 -23.34 -2.91 10.65
N ASN A 53 -22.62 -3.97 10.38
CA ASN A 53 -22.22 -4.31 9.02
C ASN A 53 -22.95 -5.60 8.62
N PHE A 54 -24.03 -5.45 7.87
CA PHE A 54 -24.87 -6.58 7.55
C PHE A 54 -24.35 -7.40 6.39
N ARG A 55 -23.54 -6.82 5.51
CA ARG A 55 -23.03 -7.52 4.34
C ARG A 55 -21.66 -8.15 4.56
N ASN A 56 -21.10 -8.06 5.73
CA ASN A 56 -19.79 -8.66 5.95
C ASN A 56 -19.92 -10.17 5.94
N PRO A 57 -19.29 -10.86 5.01
CA PRO A 57 -19.33 -12.33 5.05
C PRO A 57 -18.71 -12.92 6.28
N LEU A 58 -17.78 -12.21 6.90
CA LEU A 58 -17.11 -12.74 8.07
C LEU A 58 -17.87 -12.47 9.35
N GLY A 59 -18.94 -11.69 9.29
CA GLY A 59 -19.78 -11.47 10.44
C GLY A 59 -21.00 -12.37 10.45
N MET A 60 -21.98 -12.01 11.28
CA MET A 60 -23.23 -12.73 11.37
C MET A 60 -24.43 -11.78 11.31
N LYS A 61 -24.41 -10.85 10.36
CA LYS A 61 -25.52 -9.96 10.11
C LYS A 61 -25.80 -9.08 11.34
N GLY A 62 -24.79 -8.81 12.15
CA GLY A 62 -24.96 -8.01 13.36
C GLY A 62 -25.50 -8.74 14.58
N GLU A 63 -25.82 -10.04 14.46
CA GLU A 63 -26.54 -10.71 15.54
C GLU A 63 -25.68 -10.80 16.78
N ILE A 64 -24.38 -11.00 16.63
CA ILE A 64 -23.50 -11.03 17.78
C ILE A 64 -23.51 -9.67 18.48
N ALA A 65 -23.37 -8.59 17.70
CA ALA A 65 -23.31 -7.28 18.31
C ALA A 65 -24.62 -6.94 18.99
N GLU A 66 -25.77 -7.26 18.38
CA GLU A 66 -27.06 -6.95 18.99
C GLU A 66 -27.30 -7.78 20.24
N ALA A 67 -27.01 -9.09 20.19
CA ALA A 67 -27.19 -9.90 21.40
C ALA A 67 -26.24 -9.46 22.52
N TYR A 68 -24.98 -9.17 22.20
CA TYR A 68 -24.10 -8.66 23.24
C TYR A 68 -24.59 -7.31 23.77
N ALA A 69 -25.08 -6.44 22.89
CA ALA A 69 -25.56 -5.16 23.36
C ALA A 69 -26.70 -5.37 24.35
N ASP A 70 -27.62 -6.29 24.03
CA ASP A 70 -28.74 -6.54 24.93
C ASP A 70 -28.25 -7.02 26.28
N LEU A 71 -27.26 -7.91 26.29
CA LEU A 71 -26.68 -8.34 27.57
C LEU A 71 -26.13 -7.15 28.34
N VAL A 72 -25.37 -6.29 27.66
CA VAL A 72 -24.74 -5.16 28.32
C VAL A 72 -25.80 -4.23 28.91
N LYS A 73 -26.84 -3.95 28.12
CA LYS A 73 -27.90 -3.05 28.57
C LYS A 73 -28.62 -3.64 29.79
N GLN A 74 -28.86 -4.95 29.79
CA GLN A 74 -29.57 -5.56 30.90
C GLN A 74 -28.72 -5.58 32.15
N ALA A 75 -27.42 -5.88 32.01
CA ALA A 75 -26.53 -5.97 33.17
C ALA A 75 -26.30 -4.61 33.84
N TRP A 76 -26.23 -3.54 33.05
CA TRP A 76 -25.98 -2.21 33.58
C TRP A 76 -27.28 -1.43 33.84
N SER A 77 -28.43 -2.07 33.72
CA SER A 77 -29.67 -1.37 34.01
C SER A 77 -29.88 -1.19 35.51
N GLY A 78 -29.32 -2.07 36.33
CA GLY A 78 -29.65 -2.10 37.75
C GLY A 78 -30.96 -2.82 38.05
N HIS A 79 -31.59 -3.42 37.05
CA HIS A 79 -32.87 -4.07 37.20
C HIS A 79 -32.78 -5.55 37.54
N HIS A 80 -31.63 -6.18 37.34
CA HIS A 80 -31.51 -7.62 37.41
C HIS A 80 -30.44 -8.05 38.40
N ARG A 81 -30.78 -8.99 39.27
N ARG A 81 -30.78 -8.99 39.27
CA ARG A 81 -29.75 -9.64 40.08
CA ARG A 81 -29.72 -9.63 40.07
C ARG A 81 -28.89 -10.56 39.21
C ARG A 81 -28.89 -10.59 39.23
N SER A 82 -29.53 -11.32 38.31
CA SER A 82 -28.85 -12.23 37.41
C SER A 82 -29.67 -12.37 36.14
N ILE A 83 -29.04 -12.82 35.08
CA ILE A 83 -29.53 -12.78 33.72
C ILE A 83 -29.30 -14.13 33.09
N VAL A 84 -30.21 -14.55 32.21
CA VAL A 84 -30.07 -15.85 31.56
C VAL A 84 -29.69 -15.61 30.10
N PRO A 85 -28.41 -15.69 29.77
CA PRO A 85 -27.96 -15.30 28.43
C PRO A 85 -28.14 -16.40 27.40
N HIS A 86 -29.35 -16.93 27.31
CA HIS A 86 -29.57 -18.04 26.39
C HIS A 86 -29.57 -17.57 24.93
N VAL A 87 -30.13 -16.38 24.67
CA VAL A 87 -30.10 -15.86 23.31
C VAL A 87 -28.65 -15.64 22.87
N PHE A 88 -27.84 -15.07 23.74
CA PHE A 88 -26.45 -14.87 23.38
C PHE A 88 -25.77 -16.20 23.09
N LYS A 89 -26.04 -17.24 23.89
CA LYS A 89 -25.41 -18.53 23.65
C LYS A 89 -25.84 -19.10 22.31
N ASN A 90 -27.12 -19.00 21.99
N ASN A 90 -27.12 -18.99 21.98
CA ASN A 90 -27.58 -19.54 20.72
CA ASN A 90 -27.59 -19.53 20.72
C ASN A 90 -26.92 -18.82 19.55
C ASN A 90 -26.94 -18.82 19.54
N LYS A 91 -26.79 -17.49 19.65
CA LYS A 91 -26.14 -16.74 18.57
C LYS A 91 -24.65 -17.04 18.49
N VAL A 92 -24.01 -17.22 19.64
CA VAL A 92 -22.59 -17.54 19.66
C VAL A 92 -22.35 -18.89 18.98
N GLY A 93 -23.17 -19.88 19.31
CA GLY A 93 -23.01 -21.17 18.69
C GLY A 93 -23.31 -21.13 17.20
N HIS A 94 -24.28 -20.31 16.79
CA HIS A 94 -24.56 -20.22 15.36
C HIS A 94 -23.37 -19.62 14.61
N PHE A 95 -22.66 -18.68 15.24
CA PHE A 95 -21.44 -18.10 14.69
C PHE A 95 -20.22 -19.01 14.79
N ALA A 96 -20.18 -19.88 15.77
CA ALA A 96 -19.01 -20.73 16.00
C ALA A 96 -19.57 -22.03 16.57
N SER A 97 -19.77 -23.01 15.67
CA SER A 97 -20.54 -24.21 15.97
C SER A 97 -19.97 -25.02 17.12
N GLN A 98 -18.70 -24.86 17.43
CA GLN A 98 -18.14 -25.66 18.51
C GLN A 98 -18.89 -25.42 19.81
N PHE A 99 -19.45 -24.24 19.99
CA PHE A 99 -20.10 -23.89 21.24
C PHE A 99 -21.56 -24.31 21.28
N LEU A 100 -22.06 -24.91 20.20
CA LEU A 100 -23.33 -25.62 20.28
C LEU A 100 -23.21 -26.75 21.28
N GLY A 101 -24.29 -26.99 22.00
CA GLY A 101 -24.35 -28.07 22.95
C GLY A 101 -23.99 -27.64 24.35
N TYR A 102 -23.49 -28.60 25.11
CA TYR A 102 -23.20 -28.45 26.52
C TYR A 102 -21.77 -28.88 26.85
N GLN A 103 -20.83 -28.55 25.96
CA GLN A 103 -19.42 -28.89 26.20
C GLN A 103 -18.75 -27.83 27.07
N GLN A 104 -17.72 -28.25 27.80
CA GLN A 104 -16.87 -27.31 28.52
C GLN A 104 -15.85 -26.73 27.54
N HIS A 105 -15.55 -25.45 27.68
CA HIS A 105 -14.69 -24.77 26.73
C HIS A 105 -13.71 -23.86 27.44
N ASP A 106 -12.72 -23.43 26.67
CA ASP A 106 -11.70 -22.49 27.11
C ASP A 106 -12.23 -21.07 27.00
N SER A 107 -12.03 -20.27 28.05
CA SER A 107 -12.66 -18.96 28.08
C SER A 107 -11.96 -17.94 27.19
N GLN A 108 -10.64 -18.05 27.03
CA GLN A 108 -9.98 -17.17 26.07
C GLN A 108 -10.39 -17.53 24.64
N GLU A 109 -10.62 -18.79 24.33
CA GLU A 109 -11.11 -19.18 22.98
C GLU A 109 -12.47 -18.56 22.70
N LEU A 110 -13.39 -18.63 23.68
CA LEU A 110 -14.73 -18.01 23.53
C LEU A 110 -14.54 -16.51 23.31
N LEU A 111 -13.72 -15.86 24.14
CA LEU A 111 -13.43 -14.41 24.00
C LEU A 111 -12.91 -14.08 22.59
N SER A 112 -12.01 -14.90 22.08
CA SER A 112 -11.44 -14.69 20.74
C SER A 112 -12.56 -14.69 19.71
N PHE A 113 -13.43 -15.68 19.82
CA PHE A 113 -14.52 -15.73 18.86
C PHE A 113 -15.52 -14.59 19.08
N LEU A 114 -15.83 -14.27 20.33
CA LEU A 114 -16.75 -13.19 20.62
C LEU A 114 -16.20 -11.84 20.13
N LEU A 115 -14.94 -11.57 20.45
CA LEU A 115 -14.36 -10.31 20.01
C LEU A 115 -14.34 -10.26 18.49
N ASP A 116 -13.99 -11.36 17.84
CA ASP A 116 -13.98 -11.37 16.41
C ASP A 116 -15.39 -11.15 15.84
N GLY A 117 -16.39 -11.76 16.47
CA GLY A 117 -17.76 -11.58 16.01
C GLY A 117 -18.19 -10.13 16.13
N LEU A 118 -17.92 -9.52 17.28
CA LEU A 118 -18.19 -8.09 17.43
C LEU A 118 -17.44 -7.27 16.37
N HIS A 119 -16.17 -7.56 16.16
CA HIS A 119 -15.32 -6.83 15.20
C HIS A 119 -15.88 -6.86 13.79
N GLU A 120 -16.25 -8.04 13.28
CA GLU A 120 -16.78 -8.17 11.89
C GLU A 120 -18.17 -7.53 11.80
N ASP A 121 -18.99 -7.73 12.82
CA ASP A 121 -20.38 -7.20 12.86
C ASP A 121 -20.33 -5.66 12.88
N LEU A 122 -19.23 -5.07 13.33
CA LEU A 122 -19.05 -3.62 13.37
C LEU A 122 -17.83 -3.19 12.56
N ASN A 123 -17.40 -4.01 11.60
CA ASN A 123 -16.22 -3.63 10.80
C ASN A 123 -16.56 -2.46 9.90
N ARG A 124 -15.77 -1.41 9.93
CA ARG A 124 -16.08 -0.27 9.09
C ARG A 124 -15.59 -0.43 7.67
N VAL A 125 -14.81 -1.46 7.42
CA VAL A 125 -14.32 -1.75 6.08
C VAL A 125 -15.42 -2.46 5.31
N LYS A 126 -15.60 -2.05 4.05
CA LYS A 126 -16.60 -2.70 3.19
C LYS A 126 -16.07 -3.99 2.59
N LYS A 127 -14.82 -4.02 2.15
CA LYS A 127 -14.26 -5.25 1.61
C LYS A 127 -12.79 -5.32 1.98
N LYS A 128 -12.34 -6.51 2.37
CA LYS A 128 -10.96 -6.71 2.79
C LYS A 128 -10.06 -6.91 1.59
N GLU A 129 -9.01 -6.10 1.51
CA GLU A 129 -8.04 -6.15 0.44
C GLU A 129 -6.75 -6.73 0.97
N TYR A 130 -6.15 -7.63 0.19
CA TYR A 130 -4.80 -8.09 0.45
C TYR A 130 -3.82 -7.19 -0.31
N VAL A 131 -2.86 -6.68 0.43
CA VAL A 131 -1.80 -5.84 -0.11
C VAL A 131 -0.48 -6.37 0.44
N GLU A 132 0.42 -6.71 -0.46
CA GLU A 132 1.73 -7.21 -0.07
C GLU A 132 2.52 -6.10 0.60
N LEU A 133 3.04 -6.39 1.79
CA LEU A 133 3.90 -5.42 2.47
C LEU A 133 5.23 -5.30 1.75
N CYS A 134 5.77 -4.09 1.72
CA CYS A 134 7.02 -3.82 1.08
C CYS A 134 8.19 -4.18 1.99
N ASP A 135 9.33 -4.45 1.34
CA ASP A 135 10.55 -4.79 2.05
C ASP A 135 10.89 -3.75 3.11
N ALA A 136 11.13 -4.21 4.33
CA ALA A 136 11.56 -3.30 5.38
C ALA A 136 13.00 -2.80 5.19
N ALA A 137 13.76 -3.44 4.33
CA ALA A 137 15.19 -3.18 4.24
C ALA A 137 15.48 -1.71 4.09
N GLY A 138 16.26 -1.17 5.04
CA GLY A 138 16.79 0.16 4.91
C GLY A 138 15.83 1.27 5.28
N ARG A 139 14.70 0.95 5.84
CA ARG A 139 13.75 1.99 6.22
C ARG A 139 13.61 2.06 7.73
N PRO A 140 13.32 3.23 8.28
CA PRO A 140 13.23 3.36 9.73
C PRO A 140 12.08 2.55 10.30
N ASP A 141 12.25 2.11 11.55
CA ASP A 141 11.28 1.22 12.19
C ASP A 141 9.88 1.81 12.20
N GLN A 142 9.73 3.10 12.53
CA GLN A 142 8.39 3.70 12.62
C GLN A 142 7.67 3.67 11.27
N GLU A 143 8.38 3.89 10.19
CA GLU A 143 7.76 3.88 8.87
C GLU A 143 7.28 2.49 8.53
N VAL A 144 8.09 1.47 8.83
CA VAL A 144 7.70 0.09 8.56
C VAL A 144 6.51 -0.30 9.43
N ALA A 145 6.55 0.08 10.71
CA ALA A 145 5.45 -0.23 11.60
C ALA A 145 4.16 0.41 11.11
N GLN A 146 4.24 1.63 10.59
CA GLN A 146 3.04 2.35 10.11
C GLN A 146 2.41 1.63 8.92
N GLU A 147 3.23 1.19 7.99
CA GLU A 147 2.73 0.46 6.80
C GLU A 147 1.99 -0.80 7.24
N ALA A 148 2.53 -1.54 8.21
CA ALA A 148 1.92 -2.76 8.73
C ALA A 148 0.60 -2.50 9.47
N TRP A 149 0.54 -1.48 10.30
CA TRP A 149 -0.73 -1.10 10.97
C TRP A 149 -1.76 -0.65 9.94
N GLN A 150 -1.36 0.14 8.96
CA GLN A 150 -2.31 0.66 7.96
C GLN A 150 -2.81 -0.50 7.09
N ASN A 151 -1.97 -1.50 6.84
CA ASN A 151 -2.38 -2.71 6.08
C ASN A 151 -3.43 -3.44 6.90
N HIS A 152 -3.25 -3.50 8.21
CA HIS A 152 -4.23 -4.13 9.13
C HIS A 152 -5.50 -3.28 9.18
N LYS A 153 -5.34 -1.96 9.23
CA LYS A 153 -6.54 -1.15 9.40
C LYS A 153 -7.34 -1.09 8.11
N ARG A 154 -6.66 -1.25 6.98
CA ARG A 154 -7.33 -1.24 5.68
C ARG A 154 -8.32 -2.40 5.62
N ARG A 155 -8.06 -3.46 6.41
CA ARG A 155 -8.90 -4.64 6.47
C ARG A 155 -9.79 -4.70 7.70
N ASN A 156 -9.32 -4.17 8.84
CA ASN A 156 -9.98 -4.29 10.15
C ASN A 156 -10.00 -2.95 10.83
N ASP A 157 -11.18 -2.34 10.90
CA ASP A 157 -11.33 -1.01 11.46
C ASP A 157 -12.65 -1.01 12.22
N SER A 158 -12.58 -1.24 13.54
CA SER A 158 -13.76 -1.30 14.38
C SER A 158 -13.40 -0.86 15.80
N VAL A 159 -14.42 -0.75 16.64
CA VAL A 159 -14.21 -0.42 18.05
C VAL A 159 -13.35 -1.48 18.73
N ILE A 160 -13.45 -2.73 18.27
CA ILE A 160 -12.59 -3.79 18.79
C ILE A 160 -11.13 -3.48 18.49
N VAL A 161 -10.84 -3.12 17.24
CA VAL A 161 -9.45 -2.79 16.89
C VAL A 161 -8.99 -1.60 17.69
N ASP A 162 -9.85 -0.57 17.77
CA ASP A 162 -9.51 0.67 18.46
C ASP A 162 -9.26 0.44 19.94
N THR A 163 -9.79 -0.63 20.52
CA THR A 163 -9.73 -0.84 21.95
C THR A 163 -8.68 -1.84 22.37
N PHE A 164 -8.52 -2.93 21.60
CA PHE A 164 -7.76 -4.08 22.06
C PHE A 164 -6.50 -4.39 21.27
N HIS A 165 -6.30 -3.82 20.11
CA HIS A 165 -5.24 -4.27 19.20
C HIS A 165 -4.01 -3.41 19.39
N GLY A 166 -2.86 -4.07 19.54
CA GLY A 166 -1.55 -3.46 19.50
C GLY A 166 -0.68 -4.03 18.40
N LEU A 167 0.63 -3.71 18.45
CA LEU A 167 1.57 -4.10 17.42
C LEU A 167 2.87 -4.67 18.03
N PHE A 168 3.24 -5.86 17.55
CA PHE A 168 4.53 -6.50 17.82
C PHE A 168 5.53 -6.11 16.73
N LYS A 169 6.77 -5.88 17.14
CA LYS A 169 7.92 -5.89 16.25
C LYS A 169 8.62 -7.22 16.44
N SER A 170 9.00 -7.85 15.33
CA SER A 170 9.80 -9.08 15.33
C SER A 170 11.07 -8.82 14.52
N THR A 171 12.21 -9.12 15.11
CA THR A 171 13.50 -8.83 14.50
C THR A 171 14.35 -10.09 14.38
N LEU A 172 14.88 -10.32 13.17
CA LEU A 172 15.79 -11.42 12.88
C LEU A 172 17.16 -10.85 12.51
N VAL A 173 18.20 -11.43 13.07
CA VAL A 173 19.58 -11.01 12.81
C VAL A 173 20.36 -12.24 12.37
N CYS A 174 20.99 -12.14 11.21
CA CYS A 174 21.81 -13.21 10.71
C CYS A 174 23.15 -13.21 11.44
N PRO A 175 23.55 -14.34 12.02
CA PRO A 175 24.86 -14.41 12.68
C PRO A 175 26.02 -14.41 11.74
N ASP A 176 25.80 -14.62 10.44
CA ASP A 176 26.90 -14.69 9.48
C ASP A 176 27.22 -13.32 8.90
N CYS A 177 26.23 -12.72 8.23
CA CYS A 177 26.44 -11.48 7.51
C CYS A 177 25.91 -10.26 8.26
N GLY A 178 25.17 -10.46 9.35
CA GLY A 178 24.59 -9.34 10.07
C GLY A 178 23.32 -8.78 9.48
N ASN A 179 22.77 -9.42 8.48
CA ASN A 179 21.52 -8.95 7.90
C ASN A 179 20.42 -8.89 8.95
N VAL A 180 19.64 -7.81 8.94
CA VAL A 180 18.56 -7.56 9.89
C VAL A 180 17.25 -7.54 9.12
N SER A 181 16.26 -8.30 9.60
CA SER A 181 14.94 -8.39 8.97
C SER A 181 13.85 -8.04 9.97
N VAL A 182 13.09 -6.99 9.69
CA VAL A 182 12.11 -6.44 10.60
C VAL A 182 10.72 -6.71 10.07
N THR A 183 9.82 -7.13 10.97
CA THR A 183 8.42 -7.38 10.61
C THR A 183 7.55 -6.88 11.74
N PHE A 184 6.34 -6.46 11.42
CA PHE A 184 5.38 -6.01 12.42
C PHE A 184 4.07 -6.78 12.29
N ASP A 185 3.61 -7.33 13.41
CA ASP A 185 2.38 -8.10 13.45
C ASP A 185 1.39 -7.47 14.41
N PRO A 186 0.14 -7.22 14.01
CA PRO A 186 -0.87 -6.82 14.98
C PRO A 186 -1.19 -7.96 15.94
N PHE A 187 -1.66 -7.57 17.13
CA PHE A 187 -2.08 -8.56 18.11
C PHE A 187 -3.23 -8.05 18.94
N CYS A 188 -4.00 -9.00 19.47
CA CYS A 188 -5.09 -8.77 20.38
C CYS A 188 -4.91 -9.48 21.71
N TYR A 189 -4.18 -10.58 21.73
CA TYR A 189 -3.88 -11.34 22.95
C TYR A 189 -2.37 -11.39 23.09
N LEU A 190 -1.88 -11.01 24.25
CA LEU A 190 -0.46 -11.15 24.56
C LEU A 190 -0.36 -12.46 25.31
N SER A 191 -0.03 -13.53 24.56
CA SER A 191 0.01 -14.89 25.09
C SER A 191 1.46 -15.13 25.47
N VAL A 192 1.71 -15.12 26.77
CA VAL A 192 3.04 -15.18 27.34
C VAL A 192 3.31 -16.58 27.88
N PRO A 193 4.51 -17.09 27.66
CA PRO A 193 4.88 -18.38 28.23
C PRO A 193 5.27 -18.25 29.68
N LEU A 194 5.22 -19.33 30.35
CA LEU A 194 5.67 -19.42 31.73
C LEU A 194 7.14 -19.80 31.77
N PRO A 195 7.93 -19.13 32.60
CA PRO A 195 9.35 -19.50 32.73
C PRO A 195 9.56 -20.86 33.34
N GLY A 196 8.61 -21.37 34.11
CA GLY A 196 8.78 -22.60 34.85
C GLY A 196 7.71 -22.68 35.93
N ALA A 197 7.82 -23.71 36.75
CA ALA A 197 6.93 -23.91 37.88
C ALA A 197 7.67 -23.85 39.22
N LYS A 198 8.89 -23.36 39.22
CA LYS A 198 9.76 -23.39 40.38
C LYS A 198 9.85 -24.79 40.98
N LYS A 199 9.96 -25.80 40.11
CA LYS A 199 10.14 -27.19 40.53
C LYS A 199 11.61 -27.59 40.40
N ILE A 200 12.13 -28.20 41.44
CA ILE A 200 13.51 -28.66 41.49
C ILE A 200 13.48 -30.17 41.70
N LEU A 201 14.30 -30.86 40.93
CA LEU A 201 14.50 -32.29 41.11
C LEU A 201 15.85 -32.51 41.74
N ILE A 202 15.91 -33.35 42.76
CA ILE A 202 17.16 -33.74 43.41
C ILE A 202 17.48 -35.19 43.02
N VAL A 203 18.61 -35.36 42.36
CA VAL A 203 19.13 -36.69 42.05
C VAL A 203 20.25 -36.95 43.07
N GLU A 204 19.95 -37.74 44.10
CA GLU A 204 20.87 -38.00 45.19
C GLU A 204 20.56 -39.34 45.83
N SER A 205 21.57 -40.18 45.97
CA SER A 205 21.43 -41.49 46.59
C SER A 205 21.53 -41.42 48.12
N ASP A 206 22.04 -40.33 48.67
CA ASP A 206 22.07 -40.09 50.10
C ASP A 206 20.73 -39.49 50.48
N THR A 207 19.83 -40.32 50.99
CA THR A 207 18.45 -39.91 51.21
C THR A 207 18.29 -38.92 52.36
N ALA A 208 19.10 -39.06 53.41
CA ALA A 208 19.07 -38.08 54.49
C ALA A 208 19.52 -36.71 53.99
N LEU A 209 20.62 -36.67 53.24
CA LEU A 209 21.09 -35.42 52.69
C LEU A 209 20.05 -34.82 51.77
N SER A 210 19.45 -35.67 50.94
CA SER A 210 18.47 -35.22 49.95
C SER A 210 17.27 -34.61 50.64
N ALA A 211 16.78 -35.25 51.71
CA ALA A 211 15.65 -34.68 52.47
C ALA A 211 16.01 -33.36 53.14
N THR A 212 17.24 -33.25 53.65
CA THR A 212 17.66 -31.97 54.21
C THR A 212 17.57 -30.86 53.19
N LEU A 213 18.15 -31.08 52.01
CA LEU A 213 18.14 -30.06 50.97
C LEU A 213 16.71 -29.79 50.49
N ARG A 214 15.88 -30.83 50.39
CA ARG A 214 14.48 -30.62 50.05
C ARG A 214 13.80 -29.66 51.02
N SER A 215 14.00 -29.87 52.33
CA SER A 215 13.36 -28.95 53.26
C SER A 215 13.92 -27.56 53.12
N ALA A 216 15.24 -27.43 52.98
CA ALA A 216 15.83 -26.10 52.83
C ALA A 216 15.21 -25.38 51.63
N LEU A 217 15.13 -26.08 50.50
CA LEU A 217 14.55 -25.49 49.31
C LEU A 217 13.07 -25.17 49.50
N GLU A 218 12.32 -26.09 50.07
CA GLU A 218 10.90 -25.85 50.29
C GLU A 218 10.68 -24.68 51.23
N GLY A 219 11.71 -24.33 52.01
CA GLY A 219 11.60 -23.20 52.94
C GLY A 219 11.57 -21.87 52.26
N ARG A 220 11.98 -21.81 50.99
CA ARG A 220 11.84 -20.62 50.18
C ARG A 220 10.79 -20.78 49.09
N GLY A 221 9.92 -21.77 49.17
CA GLY A 221 8.78 -21.87 48.27
C GLY A 221 8.94 -22.75 47.06
N PHE A 222 10.10 -23.36 46.85
CA PHE A 222 10.27 -24.28 45.74
C PHE A 222 9.48 -25.56 45.95
N THR A 223 8.89 -26.05 44.86
CA THR A 223 8.42 -27.42 44.83
C THR A 223 9.61 -28.31 44.56
N VAL A 224 9.69 -29.42 45.30
CA VAL A 224 10.84 -30.30 45.24
C VAL A 224 10.36 -31.74 45.06
N ASP A 225 10.94 -32.42 44.06
CA ASP A 225 10.88 -33.87 43.89
C ASP A 225 12.26 -34.47 44.11
N GLU A 226 12.27 -35.75 44.49
CA GLU A 226 13.50 -36.47 44.82
C GLU A 226 13.60 -37.80 44.10
N THR A 227 14.84 -38.21 43.80
CA THR A 227 15.04 -39.55 43.24
C THR A 227 16.47 -39.98 43.48
N THR A 228 16.63 -41.24 43.88
CA THR A 228 17.96 -41.82 44.05
C THR A 228 18.40 -42.67 42.86
N ASP A 229 17.57 -42.75 41.82
CA ASP A 229 17.81 -43.60 40.66
C ASP A 229 18.47 -42.78 39.58
N GLY A 230 19.80 -42.87 39.51
CA GLY A 230 20.55 -42.15 38.48
C GLY A 230 20.28 -42.65 37.07
N LYS A 231 20.10 -43.96 36.90
CA LYS A 231 19.90 -44.49 35.56
C LYS A 231 18.69 -43.86 34.88
N GLY A 232 17.57 -43.77 35.59
CA GLY A 232 16.39 -43.20 35.00
C GLY A 232 16.31 -41.69 35.03
N SER A 233 17.30 -41.02 35.63
CA SER A 233 17.17 -39.58 35.87
C SER A 233 17.01 -38.78 34.58
N VAL A 234 17.75 -39.11 33.54
CA VAL A 234 17.66 -38.32 32.31
C VAL A 234 16.22 -38.32 31.81
N GLU A 235 15.59 -39.50 31.79
CA GLU A 235 14.26 -39.61 31.23
C GLU A 235 13.21 -39.03 32.17
N GLN A 236 13.40 -39.19 33.48
CA GLN A 236 12.53 -38.52 34.42
C GLN A 236 12.59 -36.99 34.25
N ILE A 237 13.78 -36.47 33.97
CA ILE A 237 13.89 -35.03 33.71
C ILE A 237 13.12 -34.66 32.47
N ARG A 238 13.23 -35.48 31.42
CA ARG A 238 12.46 -35.22 30.20
C ARG A 238 10.95 -35.27 30.47
N ARG A 239 10.50 -36.14 31.37
CA ARG A 239 9.07 -36.27 31.66
C ARG A 239 8.54 -35.16 32.58
N ASP A 240 9.15 -34.99 33.74
CA ASP A 240 8.66 -34.05 34.73
C ASP A 240 9.07 -32.61 34.48
N ARG A 241 10.03 -32.38 33.59
N ARG A 241 10.05 -32.38 33.60
CA ARG A 241 10.50 -31.07 33.17
CA ARG A 241 10.45 -31.04 33.19
C ARG A 241 10.68 -30.14 34.39
C ARG A 241 10.69 -30.12 34.39
N PRO A 242 11.57 -30.47 35.31
CA PRO A 242 11.86 -29.57 36.43
C PRO A 242 12.57 -28.32 35.95
N ASP A 243 12.48 -27.28 36.76
CA ASP A 243 13.10 -26.03 36.41
C ASP A 243 14.59 -26.05 36.73
N LEU A 244 15.04 -26.98 37.58
CA LEU A 244 16.43 -27.04 38.02
C LEU A 244 16.70 -28.42 38.58
N VAL A 245 17.91 -28.94 38.32
CA VAL A 245 18.29 -30.24 38.80
C VAL A 245 19.48 -30.08 39.75
N VAL A 246 19.31 -30.59 40.95
CA VAL A 246 20.40 -30.75 41.90
C VAL A 246 20.87 -32.19 41.71
N LEU A 247 22.10 -32.34 41.24
CA LEU A 247 22.64 -33.61 40.75
C LEU A 247 23.89 -33.94 41.56
N ALA A 248 23.87 -35.09 42.22
CA ALA A 248 25.01 -35.53 43.03
C ALA A 248 26.02 -36.28 42.16
N VAL A 249 27.30 -36.14 42.52
CA VAL A 249 28.34 -36.82 41.77
C VAL A 249 28.35 -38.32 42.08
N ASP A 250 28.45 -38.68 43.35
CA ASP A 250 28.58 -40.10 43.73
C ASP A 250 27.18 -40.64 43.92
N LEU A 251 26.75 -41.50 43.02
CA LEU A 251 25.41 -42.07 43.05
C LEU A 251 25.51 -43.58 43.22
N SER A 252 24.40 -44.18 43.65
CA SER A 252 24.38 -45.62 43.90
C SER A 252 24.42 -46.37 42.55
N ALA A 253 24.69 -47.67 42.64
CA ALA A 253 24.71 -48.54 41.46
C ALA A 253 25.61 -47.96 40.38
N GLY A 254 26.76 -47.45 40.80
CA GLY A 254 27.77 -46.98 39.87
C GLY A 254 27.28 -45.95 38.88
N GLN A 255 26.44 -45.03 39.32
CA GLN A 255 26.06 -43.90 38.47
C GLN A 255 26.95 -42.73 38.84
N ASN A 256 27.22 -41.87 37.84
CA ASN A 256 28.13 -40.75 38.00
C ASN A 256 27.41 -39.48 37.57
N GLY A 257 27.28 -38.55 38.51
CA GLY A 257 26.60 -37.30 38.21
C GLY A 257 27.27 -36.53 37.08
N TYR A 258 28.60 -36.56 37.04
CA TYR A 258 29.28 -35.90 35.94
C TYR A 258 28.89 -36.53 34.61
N LEU A 259 28.79 -37.85 34.57
CA LEU A 259 28.39 -38.46 33.31
C LEU A 259 26.95 -38.11 32.96
N ILE A 260 26.05 -38.14 33.95
CA ILE A 260 24.66 -37.79 33.70
C ILE A 260 24.56 -36.36 33.17
N CYS A 261 25.32 -35.43 33.79
CA CYS A 261 25.40 -34.07 33.29
C CYS A 261 25.81 -34.06 31.84
N GLY A 262 26.84 -34.85 31.50
CA GLY A 262 27.26 -34.90 30.12
C GLY A 262 26.12 -35.31 29.19
N LYS A 263 25.35 -36.30 29.61
CA LYS A 263 24.24 -36.77 28.77
C LYS A 263 23.21 -35.66 28.58
N LEU A 264 22.91 -34.93 29.64
CA LEU A 264 21.94 -33.84 29.51
C LEU A 264 22.47 -32.72 28.62
N LYS A 265 23.76 -32.42 28.70
CA LYS A 265 24.27 -31.28 27.95
C LYS A 265 24.39 -31.65 26.47
N LYS A 266 24.43 -32.95 26.17
CA LYS A 266 24.47 -33.41 24.78
C LYS A 266 23.08 -33.48 24.14
N ASP A 267 22.03 -33.65 24.95
CA ASP A 267 20.67 -33.75 24.41
C ASP A 267 20.14 -32.38 24.01
N ASP A 268 19.62 -32.26 22.79
N ASP A 268 19.65 -32.29 22.77
CA ASP A 268 19.25 -30.92 22.34
CA ASP A 268 19.17 -31.02 22.23
C ASP A 268 17.96 -30.41 22.99
C ASP A 268 18.06 -30.45 23.11
N ASP A 269 17.09 -31.30 23.49
CA ASP A 269 15.97 -30.85 24.30
C ASP A 269 16.42 -30.43 25.71
N LEU A 270 17.33 -31.20 26.33
CA LEU A 270 17.64 -31.09 27.75
C LEU A 270 18.87 -30.23 28.07
N LYS A 271 19.57 -29.73 27.06
CA LYS A 271 20.84 -29.01 27.32
C LYS A 271 20.63 -27.69 28.05
N ASN A 272 19.44 -27.14 28.03
CA ASN A 272 19.21 -25.84 28.63
C ASN A 272 18.68 -25.92 30.07
N VAL A 273 18.49 -27.13 30.60
CA VAL A 273 18.03 -27.29 31.97
C VAL A 273 19.16 -27.01 32.95
N PRO A 274 18.98 -26.05 33.85
CA PRO A 274 20.05 -25.71 34.79
C PRO A 274 20.40 -26.89 35.68
N ILE A 275 21.70 -27.05 35.93
CA ILE A 275 22.21 -28.19 36.65
C ILE A 275 23.11 -27.67 37.74
N VAL A 276 22.80 -28.05 38.97
CA VAL A 276 23.64 -27.74 40.12
C VAL A 276 24.27 -29.03 40.56
N ILE A 277 25.58 -29.13 40.42
CA ILE A 277 26.30 -30.32 40.82
C ILE A 277 26.69 -30.14 42.27
N ILE A 278 26.38 -31.15 43.08
CA ILE A 278 26.86 -31.21 44.45
C ILE A 278 27.80 -32.39 44.54
N GLY A 279 28.99 -32.15 45.05
CA GLY A 279 29.96 -33.22 45.15
C GLY A 279 31.21 -32.75 45.86
N ASN A 280 32.12 -33.70 46.06
CA ASN A 280 33.43 -33.37 46.61
C ASN A 280 34.08 -32.33 45.70
N PRO A 281 34.61 -31.26 46.25
CA PRO A 281 35.16 -30.19 45.41
C PRO A 281 36.30 -30.64 44.53
N ASP A 282 37.05 -31.65 44.96
CA ASP A 282 38.22 -32.05 44.21
C ASP A 282 37.88 -32.61 42.82
N GLY A 283 36.60 -32.76 42.50
CA GLY A 283 36.21 -33.19 41.18
C GLY A 283 35.74 -32.09 40.26
N PHE A 284 35.82 -30.81 40.71
CA PHE A 284 35.25 -29.73 39.92
C PHE A 284 36.18 -29.28 38.81
N ALA A 285 37.48 -29.17 39.10
CA ALA A 285 38.41 -28.73 38.08
C ALA A 285 38.33 -29.63 36.86
N GLN A 286 38.40 -30.94 37.09
CA GLN A 286 38.43 -31.86 35.96
C GLN A 286 37.16 -31.73 35.14
N HIS A 287 36.01 -31.59 35.82
CA HIS A 287 34.79 -31.57 35.01
C HIS A 287 34.74 -30.31 34.18
N ARG A 288 35.23 -29.19 34.71
N ARG A 288 35.22 -29.19 34.72
CA ARG A 288 35.22 -27.97 33.92
CA ARG A 288 35.22 -27.97 33.92
C ARG A 288 36.26 -28.02 32.81
C ARG A 288 36.25 -28.04 32.79
N ALA A 289 37.38 -28.71 33.04
CA ALA A 289 38.42 -28.79 32.05
C ALA A 289 38.06 -29.73 30.90
N LEU A 290 37.43 -30.86 31.22
CA LEU A 290 37.22 -31.92 30.23
C LEU A 290 35.81 -31.99 29.65
N SER A 291 34.79 -31.58 30.38
CA SER A 291 33.40 -31.82 29.99
C SER A 291 32.62 -30.53 29.78
N ALA A 292 31.35 -30.72 29.40
CA ALA A 292 30.40 -29.60 29.32
C ALA A 292 30.07 -29.15 30.72
N HIS A 293 30.17 -27.85 30.95
CA HIS A 293 30.02 -27.33 32.29
C HIS A 293 28.62 -27.53 32.79
N ALA A 294 28.52 -28.03 34.01
CA ALA A 294 27.33 -27.85 34.79
C ALA A 294 27.11 -26.35 34.97
N ASP A 295 25.85 -25.97 35.14
CA ASP A 295 25.55 -24.55 35.33
C ASP A 295 26.12 -24.02 36.63
N GLU A 296 26.33 -24.89 37.64
CA GLU A 296 26.84 -24.46 38.93
C GLU A 296 27.37 -25.67 39.69
N TYR A 297 28.41 -25.44 40.49
CA TYR A 297 29.01 -26.46 41.32
C TYR A 297 28.90 -26.05 42.78
N VAL A 298 28.41 -26.94 43.64
CA VAL A 298 28.26 -26.66 45.07
C VAL A 298 28.97 -27.78 45.85
N ALA A 299 29.92 -27.41 46.69
CA ALA A 299 30.74 -28.39 47.36
C ALA A 299 30.02 -29.15 48.46
N LYS A 300 30.36 -30.38 48.59
CA LYS A 300 29.98 -31.21 49.70
C LYS A 300 31.05 -31.14 50.77
N PRO A 301 30.64 -31.29 52.15
CA PRO A 301 29.22 -31.31 53.04
C PRO A 301 28.59 -30.04 52.49
N VAL A 302 27.33 -30.14 52.09
CA VAL A 302 26.61 -29.04 51.47
C VAL A 302 26.19 -28.04 52.55
N ASP A 303 26.58 -26.79 52.32
CA ASP A 303 25.98 -25.67 53.01
C ASP A 303 24.60 -25.44 52.41
N ALA A 304 23.55 -25.75 53.16
CA ALA A 304 22.21 -25.74 52.59
C ALA A 304 21.83 -24.34 52.14
N ASP A 305 22.20 -23.31 52.91
CA ASP A 305 21.90 -21.94 52.50
C ASP A 305 22.59 -21.58 51.20
N GLN A 306 23.82 -22.03 51.04
CA GLN A 306 24.51 -21.77 49.79
C GLN A 306 23.77 -22.42 48.63
N LEU A 307 23.29 -23.65 48.82
CA LEU A 307 22.58 -24.29 47.71
C LEU A 307 21.31 -23.54 47.37
N VAL A 308 20.53 -23.14 48.40
CA VAL A 308 19.31 -22.37 48.16
C VAL A 308 19.62 -21.06 47.46
N GLU A 309 20.66 -20.36 47.93
CA GLU A 309 21.11 -19.11 47.30
C GLU A 309 21.42 -19.33 45.82
N ARG A 310 22.16 -20.40 45.50
CA ARG A 310 22.49 -20.68 44.10
C ARG A 310 21.24 -21.01 43.29
N ALA A 311 20.29 -21.73 43.88
CA ALA A 311 19.10 -22.06 43.13
C ALA A 311 18.37 -20.78 42.73
N GLY A 312 18.21 -19.87 43.68
CA GLY A 312 17.56 -18.63 43.37
C GLY A 312 18.30 -17.83 42.34
N ALA A 313 19.62 -17.86 42.38
CA ALA A 313 20.39 -17.07 41.42
C ALA A 313 20.22 -17.61 40.00
N LEU A 314 20.12 -18.93 39.85
CA LEU A 314 19.91 -19.53 38.52
C LEU A 314 18.48 -19.31 38.00
N ILE A 315 17.48 -19.87 38.70
CA ILE A 315 16.10 -19.85 38.21
C ILE A 315 15.23 -18.73 38.82
N GLY A 316 15.70 -18.06 39.86
CA GLY A 316 14.87 -17.06 40.51
C GLY A 316 13.88 -17.58 41.53
N PHE A 317 13.86 -16.95 42.69
CA PHE A 317 12.98 -17.36 43.81
C PHE A 317 11.51 -17.31 43.44
N PRO A 318 10.70 -18.18 44.04
CA PRO A 318 9.28 -18.18 43.83
C PRO A 318 8.62 -16.93 44.42
N PRO A 319 7.46 -16.53 43.89
CA PRO A 319 6.89 -17.21 42.77
C PRO A 319 7.19 -16.61 41.40
N VAL A 320 6.69 -17.25 40.37
CA VAL A 320 6.74 -16.76 38.97
C VAL A 320 6.01 -15.41 38.90
N ARG A 321 6.68 -14.41 38.36
CA ARG A 321 6.12 -13.07 38.23
C ARG A 321 5.66 -12.82 36.81
N LEU A 322 4.51 -12.13 36.66
CA LEU A 322 4.04 -11.77 35.33
C LEU A 322 5.14 -11.07 34.53
N GLN A 323 5.91 -10.22 35.21
N GLN A 323 5.92 -10.22 35.21
CA GLN A 323 6.97 -9.48 34.54
CA GLN A 323 6.98 -9.48 34.55
C GLN A 323 7.96 -10.43 33.90
C GLN A 323 7.96 -10.44 33.89
N GLU A 324 8.25 -11.56 34.55
CA GLU A 324 9.17 -12.52 33.98
C GLU A 324 8.56 -13.27 32.81
N CYS A 325 7.25 -13.44 32.78
CA CYS A 325 6.64 -13.99 31.59
C CYS A 325 6.77 -13.05 30.41
N ILE A 326 6.60 -11.76 30.64
CA ILE A 326 6.68 -10.78 29.56
C ILE A 326 8.12 -10.64 29.07
N GLU A 327 9.06 -10.64 30.02
CA GLU A 327 10.47 -10.60 29.70
C GLU A 327 10.88 -11.84 28.94
N LEU A 328 10.35 -13.01 29.30
CA LEU A 328 10.68 -14.22 28.52
C LEU A 328 10.08 -14.13 27.12
N PHE A 329 8.85 -13.61 27.01
CA PHE A 329 8.18 -13.48 25.72
C PHE A 329 9.01 -12.67 24.76
N THR A 330 9.56 -11.56 25.24
CA THR A 330 10.35 -10.65 24.45
C THR A 330 11.82 -10.99 24.49
N THR A 331 12.19 -12.20 24.85
CA THR A 331 13.62 -12.45 24.99
C THR A 331 14.25 -12.69 23.60
N VAL A 332 15.56 -12.46 23.52
CA VAL A 332 16.32 -12.81 22.33
C VAL A 332 16.51 -14.31 22.35
N GLU A 333 16.06 -14.96 21.30
CA GLU A 333 16.03 -16.40 21.19
C GLU A 333 16.86 -16.75 19.96
N THR A 334 17.56 -17.88 20.02
CA THR A 334 18.29 -18.40 18.88
C THR A 334 17.55 -19.56 18.27
N LEU A 335 17.25 -19.46 16.96
CA LEU A 335 16.57 -20.56 16.27
C LEU A 335 17.42 -21.82 16.38
N GLU A 336 16.77 -22.93 16.67
CA GLU A 336 17.44 -24.22 16.80
C GLU A 336 17.63 -24.85 15.43
N LYS A 337 18.42 -25.94 15.39
CA LYS A 337 18.85 -26.48 14.11
C LYS A 337 17.67 -26.98 13.27
N GLU A 338 16.53 -27.26 13.88
CA GLU A 338 15.39 -27.68 13.09
C GLU A 338 14.64 -26.51 12.45
N ASN A 339 14.95 -25.27 12.85
CA ASN A 339 14.15 -24.11 12.48
C ASN A 339 15.00 -22.95 11.96
N PRO A 340 15.92 -23.21 11.07
CA PRO A 340 16.77 -22.13 10.58
C PRO A 340 15.98 -21.17 9.69
N TRP A 341 16.38 -19.90 9.72
CA TRP A 341 15.82 -18.87 8.87
C TRP A 341 16.68 -18.75 7.62
N TYR A 342 16.05 -18.68 6.46
CA TYR A 342 16.80 -18.50 5.24
C TYR A 342 17.09 -17.01 5.07
N CYS A 343 18.35 -16.62 5.29
CA CYS A 343 18.74 -15.25 5.12
C CYS A 343 18.83 -14.97 3.63
N PRO A 344 18.04 -14.02 3.11
CA PRO A 344 18.04 -13.75 1.68
C PRO A 344 19.25 -12.99 1.23
N SER A 345 19.91 -12.28 2.14
CA SER A 345 21.10 -11.53 1.78
C SER A 345 22.28 -12.47 1.53
N CYS A 346 22.53 -13.45 2.43
CA CYS A 346 23.61 -14.42 2.21
C CYS A 346 23.05 -15.70 1.60
N LYS A 347 21.76 -15.72 1.33
CA LYS A 347 21.10 -16.80 0.61
C LYS A 347 21.48 -18.13 1.21
N GLN A 348 21.28 -18.25 2.53
CA GLN A 348 21.40 -19.58 3.14
C GLN A 348 20.74 -19.64 4.51
N HIS A 349 20.46 -20.87 4.93
CA HIS A 349 19.77 -21.12 6.18
C HIS A 349 20.70 -20.84 7.34
N GLN A 350 20.20 -20.14 8.36
CA GLN A 350 21.01 -19.69 9.48
C GLN A 350 20.26 -19.86 10.79
N LEU A 351 21.03 -20.11 11.84
CA LEU A 351 20.48 -20.15 13.19
C LEU A 351 20.40 -18.74 13.72
N ALA A 352 19.50 -17.96 13.12
CA ALA A 352 19.40 -16.56 13.46
C ALA A 352 18.80 -16.38 14.85
N THR A 353 19.03 -15.20 15.38
CA THR A 353 18.39 -14.77 16.62
C THR A 353 17.10 -14.05 16.25
N LYS A 354 16.06 -14.27 17.04
CA LYS A 354 14.76 -13.67 16.85
C LYS A 354 14.35 -13.03 18.17
N LYS A 355 13.76 -11.84 18.07
CA LYS A 355 13.27 -11.13 19.24
C LYS A 355 11.93 -10.49 18.93
N LEU A 356 10.95 -10.74 19.79
CA LEU A 356 9.68 -10.03 19.78
C LEU A 356 9.79 -8.80 20.64
N ASP A 357 9.26 -7.67 20.16
CA ASP A 357 9.19 -6.46 20.95
C ASP A 357 7.75 -5.97 20.99
N LEU A 358 7.39 -5.28 22.08
CA LEU A 358 6.08 -4.66 22.17
C LEU A 358 6.22 -3.28 21.57
N TRP A 359 5.72 -3.10 20.35
CA TRP A 359 5.92 -1.83 19.67
C TRP A 359 4.84 -0.82 20.02
N MET A 360 3.58 -1.21 19.96
CA MET A 360 2.48 -0.34 20.37
C MET A 360 1.55 -1.17 21.25
N LEU A 361 1.06 -0.56 22.35
CA LEU A 361 0.18 -1.31 23.25
C LEU A 361 -1.20 -0.67 23.37
N PRO A 362 -2.24 -1.47 23.39
CA PRO A 362 -3.60 -0.95 23.24
C PRO A 362 -4.16 -0.32 24.51
N GLU A 363 -5.28 0.37 24.32
CA GLU A 363 -5.99 0.90 25.48
C GLU A 363 -6.34 -0.18 26.49
N ILE A 364 -6.80 -1.34 26.02
CA ILE A 364 -7.10 -2.49 26.89
C ILE A 364 -6.26 -3.68 26.44
N LEU A 365 -5.43 -4.17 27.34
CA LEU A 365 -4.45 -5.19 27.07
C LEU A 365 -4.91 -6.51 27.68
N ILE A 366 -5.05 -7.53 26.84
CA ILE A 366 -5.44 -8.86 27.28
C ILE A 366 -4.20 -9.72 27.32
N ILE A 367 -3.86 -10.23 28.48
CA ILE A 367 -2.68 -11.04 28.67
C ILE A 367 -3.16 -12.45 28.98
N HIS A 368 -2.73 -13.39 28.16
CA HIS A 368 -3.12 -14.79 28.20
C HIS A 368 -1.93 -15.60 28.68
N LEU A 369 -2.07 -16.27 29.81
CA LEU A 369 -0.98 -17.06 30.34
C LEU A 369 -1.07 -18.44 29.72
N LYS A 370 0.06 -18.92 29.19
CA LYS A 370 0.14 -20.26 28.57
C LYS A 370 0.35 -21.29 29.65
N ARG A 371 -0.74 -21.62 30.33
CA ARG A 371 -0.72 -22.58 31.43
C ARG A 371 -0.88 -24.01 30.93
N PHE A 372 -0.05 -24.38 29.94
CA PHE A 372 -0.12 -25.74 29.43
C PHE A 372 1.24 -26.23 28.96
N SER A 373 1.42 -27.53 28.97
CA SER A 373 2.63 -28.16 28.50
C SER A 373 2.25 -29.40 27.73
N TYR A 374 3.05 -29.71 26.71
CA TYR A 374 2.84 -30.86 25.86
C TYR A 374 4.19 -31.50 25.58
N THR A 375 4.36 -32.75 26.02
CA THR A 375 5.52 -33.54 25.69
C THR A 375 5.07 -34.87 25.13
N LYS A 376 6.06 -35.68 24.73
CA LYS A 376 5.76 -37.03 24.28
C LYS A 376 4.98 -37.77 25.33
N PHE A 377 5.25 -37.49 26.60
CA PHE A 377 4.76 -38.33 27.68
C PHE A 377 3.43 -37.89 28.22
N SER A 378 3.18 -36.57 28.35
CA SER A 378 1.90 -36.09 28.83
C SER A 378 1.63 -34.65 28.42
N ARG A 379 0.36 -34.31 28.41
CA ARG A 379 -0.08 -32.93 28.30
C ARG A 379 -0.67 -32.60 29.66
N GLU A 380 -0.26 -31.49 30.26
N GLU A 380 -0.27 -31.47 30.24
CA GLU A 380 -0.86 -31.10 31.53
CA GLU A 380 -0.71 -31.07 31.57
C GLU A 380 -0.93 -29.58 31.62
C GLU A 380 -0.93 -29.56 31.61
N LYS A 381 -1.71 -29.13 32.60
CA LYS A 381 -1.91 -27.71 32.84
C LYS A 381 -0.82 -27.22 33.79
N LEU A 382 -0.21 -26.08 33.47
CA LEU A 382 0.70 -25.42 34.39
C LEU A 382 -0.14 -24.58 35.35
N ASP A 383 -0.15 -24.98 36.62
CA ASP A 383 -0.99 -24.33 37.61
C ASP A 383 -0.20 -23.49 38.60
N THR A 384 1.07 -23.19 38.28
CA THR A 384 1.94 -22.40 39.17
C THR A 384 1.37 -21.00 39.37
N LEU A 385 1.57 -20.48 40.56
CA LEU A 385 1.19 -19.12 40.89
C LEU A 385 2.03 -18.15 40.07
N VAL A 386 1.34 -17.27 39.34
CA VAL A 386 1.96 -16.14 38.67
C VAL A 386 1.49 -14.87 39.37
N GLU A 387 2.42 -14.16 40.00
CA GLU A 387 2.09 -12.87 40.61
C GLU A 387 1.92 -11.81 39.54
N PHE A 388 0.85 -11.04 39.64
CA PHE A 388 0.59 -9.92 38.75
C PHE A 388 0.18 -8.72 39.59
N PRO A 389 0.45 -7.52 39.11
CA PRO A 389 0.11 -6.31 39.88
C PRO A 389 -1.33 -5.91 39.64
N ILE A 390 -1.96 -5.43 40.71
CA ILE A 390 -3.31 -4.88 40.61
C ILE A 390 -3.27 -3.49 40.00
N ARG A 391 -2.23 -2.71 40.33
CA ARG A 391 -2.09 -1.37 39.80
C ARG A 391 -0.67 -1.18 39.31
N ASP A 392 -0.53 -0.24 38.38
CA ASP A 392 0.75 0.31 37.99
C ASP A 392 1.64 -0.68 37.25
N LEU A 393 1.06 -1.61 36.49
CA LEU A 393 1.87 -2.44 35.63
C LEU A 393 2.58 -1.59 34.59
N ASP A 394 3.90 -1.47 34.66
CA ASP A 394 4.63 -0.49 33.86
C ASP A 394 5.37 -1.21 32.74
N PHE A 395 5.04 -0.87 31.49
CA PHE A 395 5.67 -1.45 30.31
C PHE A 395 6.76 -0.57 29.73
N SER A 396 7.16 0.49 30.42
CA SER A 396 8.17 1.39 29.87
C SER A 396 9.50 0.69 29.65
N GLU A 397 9.83 -0.34 30.44
CA GLU A 397 11.11 -1.03 30.23
C GLU A 397 11.08 -1.91 28.99
N PHE A 398 9.89 -2.25 28.47
CA PHE A 398 9.74 -3.10 27.29
C PHE A 398 9.43 -2.30 26.04
N VAL A 399 8.73 -1.18 26.17
CA VAL A 399 8.34 -0.41 25.00
C VAL A 399 9.44 0.57 24.62
N ILE A 400 10.22 1.04 25.61
CA ILE A 400 11.22 2.07 25.38
C ILE A 400 12.49 1.40 24.85
N GLN A 401 12.61 1.30 23.53
CA GLN A 401 13.61 0.59 22.76
C GLN A 401 14.08 1.54 21.68
N PRO A 402 15.17 1.22 20.98
CA PRO A 402 15.68 2.18 19.97
C PRO A 402 14.60 2.52 18.95
N GLN A 403 14.44 3.83 18.69
CA GLN A 403 13.35 4.39 17.88
C GLN A 403 11.97 4.28 18.57
N ASN A 404 11.91 4.71 19.84
CA ASN A 404 10.64 4.76 20.56
C ASN A 404 10.72 5.64 21.81
N GLU A 405 9.59 6.24 22.19
CA GLU A 405 9.46 7.09 23.37
C GLU A 405 7.97 7.27 23.68
N SER A 406 7.67 7.94 24.81
CA SER A 406 6.28 8.16 25.24
C SER A 406 6.24 9.10 26.46
N ASN A 407 5.02 9.29 27.00
CA ASN A 407 4.76 9.94 28.30
C ASN A 407 4.26 8.88 29.30
N PRO A 408 4.38 9.14 30.61
CA PRO A 408 4.30 8.02 31.57
C PRO A 408 3.01 7.21 31.49
N GLU A 409 1.87 7.88 31.53
CA GLU A 409 0.63 7.13 31.63
C GLU A 409 0.39 6.25 30.40
N LEU A 410 1.13 6.48 29.32
CA LEU A 410 0.90 5.69 28.14
C LEU A 410 1.42 4.29 28.28
N TYR A 411 2.36 4.02 29.17
CA TYR A 411 2.87 2.66 29.23
C TYR A 411 2.55 1.96 30.53
N LYS A 412 1.65 2.50 31.34
CA LYS A 412 1.29 1.92 32.63
C LYS A 412 -0.18 1.50 32.59
N TYR A 413 -0.48 0.37 33.22
CA TYR A 413 -1.81 -0.17 33.21
C TYR A 413 -2.26 -0.50 34.62
N ASP A 414 -3.60 -0.51 34.81
CA ASP A 414 -4.22 -1.05 36.00
C ASP A 414 -5.15 -2.18 35.63
N LEU A 415 -5.19 -3.22 36.47
CA LEU A 415 -6.03 -4.37 36.21
C LEU A 415 -7.51 -4.02 36.34
N ILE A 416 -8.32 -4.53 35.42
CA ILE A 416 -9.77 -4.43 35.54
C ILE A 416 -10.44 -5.80 35.58
N ALA A 417 -9.82 -6.87 35.10
CA ALA A 417 -10.55 -8.13 35.19
C ALA A 417 -9.58 -9.29 35.16
N VAL A 418 -10.05 -10.43 35.65
CA VAL A 418 -9.31 -11.69 35.61
C VAL A 418 -10.29 -12.82 35.37
N SER A 419 -9.99 -13.67 34.39
CA SER A 419 -10.67 -14.94 34.22
C SER A 419 -9.84 -16.02 34.89
N ASN A 420 -10.49 -16.76 35.80
CA ASN A 420 -9.89 -17.77 36.65
C ASN A 420 -10.36 -19.14 36.19
N HIS A 421 -9.43 -20.08 36.11
CA HIS A 421 -9.75 -21.44 35.75
C HIS A 421 -9.37 -22.38 36.88
N TYR A 422 -10.26 -23.32 37.16
CA TYR A 422 -10.04 -24.39 38.14
C TYR A 422 -10.25 -25.71 37.43
N GLY A 423 -9.46 -26.69 37.81
CA GLY A 423 -9.56 -28.03 37.26
C GLY A 423 -8.40 -28.42 36.36
N GLY A 424 -8.68 -29.36 35.48
CA GLY A 424 -7.73 -29.88 34.53
C GLY A 424 -7.97 -29.27 33.15
N MET A 425 -7.27 -29.81 32.17
CA MET A 425 -7.33 -29.21 30.84
C MET A 425 -8.71 -29.40 30.23
N ARG A 426 -9.31 -30.56 30.47
CA ARG A 426 -10.58 -30.94 29.87
C ARG A 426 -11.76 -30.99 30.83
N ASP A 427 -11.57 -30.71 32.11
CA ASP A 427 -12.68 -30.66 33.07
C ASP A 427 -12.37 -29.60 34.11
N GLY A 428 -13.23 -28.62 34.25
CA GLY A 428 -12.93 -27.53 35.15
C GLY A 428 -14.11 -26.59 35.29
N HIS A 429 -13.80 -25.35 35.70
CA HIS A 429 -14.79 -24.32 36.02
C HIS A 429 -14.11 -22.97 35.88
N TYR A 430 -14.90 -21.97 35.54
CA TYR A 430 -14.42 -20.62 35.32
C TYR A 430 -15.13 -19.64 36.24
N THR A 431 -14.38 -18.70 36.77
CA THR A 431 -14.95 -17.58 37.51
C THR A 431 -14.24 -16.32 37.07
N THR A 432 -14.71 -15.18 37.57
CA THR A 432 -14.11 -13.92 37.17
C THR A 432 -14.00 -12.97 38.35
N PHE A 433 -12.85 -12.30 38.44
CA PHE A 433 -12.72 -11.08 39.21
C PHE A 433 -12.91 -9.89 38.28
N ALA A 434 -13.67 -8.88 38.74
CA ALA A 434 -13.83 -7.71 37.88
C ALA A 434 -14.07 -6.47 38.72
N CYS A 435 -13.53 -5.35 38.25
CA CYS A 435 -13.60 -4.09 38.97
C CYS A 435 -14.68 -3.22 38.35
N ASN A 436 -15.60 -2.75 39.18
CA ASN A 436 -16.73 -1.97 38.69
C ASN A 436 -16.30 -0.56 38.34
N LYS A 437 -16.66 -0.11 37.12
CA LYS A 437 -16.18 1.17 36.65
C LYS A 437 -16.77 2.36 37.39
N ASP A 438 -17.93 2.19 38.01
CA ASP A 438 -18.57 3.31 38.70
C ASP A 438 -18.13 3.48 40.13
N SER A 439 -17.77 2.41 40.82
CA SER A 439 -17.46 2.47 42.25
C SER A 439 -16.03 2.08 42.59
N GLY A 440 -15.31 1.38 41.71
CA GLY A 440 -13.98 0.93 42.00
C GLY A 440 -13.90 -0.32 42.84
N GLN A 441 -15.06 -0.87 43.24
CA GLN A 441 -15.11 -2.09 44.01
C GLN A 441 -14.92 -3.30 43.12
N TRP A 442 -14.09 -4.22 43.57
CA TRP A 442 -13.92 -5.50 42.91
C TRP A 442 -14.99 -6.50 43.38
N HIS A 443 -15.40 -7.39 42.47
CA HIS A 443 -16.33 -8.46 42.78
C HIS A 443 -15.83 -9.75 42.17
N TYR A 444 -16.30 -10.83 42.76
CA TYR A 444 -16.04 -12.20 42.31
C TYR A 444 -17.34 -12.74 41.72
N PHE A 445 -17.34 -13.01 40.44
CA PHE A 445 -18.48 -13.56 39.72
C PHE A 445 -18.26 -15.04 39.47
N ASP A 446 -19.13 -15.83 40.06
CA ASP A 446 -19.14 -17.30 39.90
C ASP A 446 -20.53 -17.62 39.41
N ASP A 447 -20.77 -17.48 38.09
CA ASP A 447 -22.09 -17.72 37.45
C ASP A 447 -23.13 -16.75 38.04
N ASN A 448 -23.96 -17.23 38.96
CA ASN A 448 -25.00 -16.40 39.60
C ASN A 448 -24.45 -15.68 40.82
N SER A 449 -23.51 -16.28 41.50
CA SER A 449 -22.99 -15.72 42.76
C SER A 449 -22.05 -14.56 42.49
N VAL A 450 -22.35 -13.41 43.07
CA VAL A 450 -21.55 -12.16 42.94
C VAL A 450 -21.26 -11.67 44.34
N SER A 451 -20.00 -11.55 44.71
CA SER A 451 -19.61 -11.12 46.07
C SER A 451 -18.50 -10.09 46.00
N PRO A 452 -18.48 -9.05 46.86
CA PRO A 452 -17.38 -8.08 46.84
C PRO A 452 -16.10 -8.65 47.47
N VAL A 453 -14.96 -8.21 46.91
CA VAL A 453 -13.64 -8.67 47.36
C VAL A 453 -12.68 -7.47 47.40
N ASN A 454 -11.62 -7.62 48.17
CA ASN A 454 -10.56 -6.64 48.23
C ASN A 454 -9.50 -6.97 47.18
N GLU A 455 -8.60 -5.99 46.92
CA GLU A 455 -7.61 -6.14 45.86
C GLU A 455 -6.63 -7.26 46.17
N ASN A 456 -6.33 -7.52 47.44
CA ASN A 456 -5.37 -8.56 47.79
C ASN A 456 -5.97 -9.95 47.70
N GLN A 457 -7.20 -10.07 47.26
CA GLN A 457 -7.83 -11.37 47.06
C GLN A 457 -7.85 -11.79 45.59
N ILE A 458 -7.53 -10.88 44.67
CA ILE A 458 -7.70 -11.18 43.25
C ILE A 458 -6.69 -12.23 42.81
N GLU A 459 -5.43 -12.07 43.24
CA GLU A 459 -4.35 -12.91 42.78
C GLU A 459 -4.45 -14.33 43.34
N SER A 460 -4.40 -15.31 42.45
CA SER A 460 -4.41 -16.71 42.82
C SER A 460 -3.86 -17.49 41.64
N LYS A 461 -3.50 -18.74 41.89
CA LYS A 461 -2.95 -19.57 40.84
C LYS A 461 -4.00 -19.86 39.77
N ALA A 462 -5.27 -19.57 40.02
CA ALA A 462 -6.30 -19.80 39.02
C ALA A 462 -6.30 -18.75 37.92
N ALA A 463 -5.64 -17.62 38.10
CA ALA A 463 -5.68 -16.56 37.10
C ALA A 463 -5.11 -17.05 35.78
N TYR A 464 -5.90 -16.88 34.70
CA TYR A 464 -5.58 -17.37 33.38
C TYR A 464 -5.62 -16.29 32.31
N VAL A 465 -6.57 -15.37 32.40
CA VAL A 465 -6.61 -14.25 31.46
C VAL A 465 -6.70 -12.98 32.26
N LEU A 466 -5.82 -12.02 31.98
CA LEU A 466 -5.79 -10.73 32.68
C LEU A 466 -6.22 -9.63 31.73
N PHE A 467 -7.10 -8.77 32.19
CA PHE A 467 -7.51 -7.57 31.46
C PHE A 467 -6.91 -6.36 32.18
N TYR A 468 -6.10 -5.59 31.41
CA TYR A 468 -5.41 -4.40 31.90
C TYR A 468 -5.86 -3.18 31.14
N GLN A 469 -6.06 -2.07 31.87
CA GLN A 469 -6.54 -0.82 31.31
C GLN A 469 -5.49 0.27 31.41
N ARG A 470 -5.17 0.87 30.28
CA ARG A 470 -4.14 1.87 30.23
C ARG A 470 -4.56 3.10 31.03
N GLN A 471 -3.64 3.64 31.81
CA GLN A 471 -3.99 4.66 32.78
C GLN A 471 -4.51 5.95 32.18
N ASP A 472 -4.23 6.24 30.92
CA ASP A 472 -4.84 7.42 30.31
C ASP A 472 -6.32 7.21 29.99
N VAL A 473 -6.75 5.96 29.90
CA VAL A 473 -8.12 5.65 29.49
C VAL A 473 -9.14 6.18 30.47
N ALA A 474 -8.91 6.03 31.76
CA ALA A 474 -9.90 6.48 32.73
C ALA A 474 -10.21 7.96 32.54
N ARG A 475 -9.18 8.76 32.33
CA ARG A 475 -9.36 10.19 32.22
C ARG A 475 -10.15 10.58 30.97
N ARG A 476 -9.80 10.05 29.81
CA ARG A 476 -10.54 10.44 28.59
C ARG A 476 -12.03 10.07 28.70
N LEU A 477 -12.91 11.08 28.69
CA LEU A 477 -14.37 10.88 28.80
C LEU A 477 -15.14 11.82 27.84
N LYS B 9 -39.29 21.05 -32.02
CA LYS B 9 -38.76 19.87 -31.34
C LYS B 9 -37.28 19.65 -31.70
N GLY B 10 -36.93 18.42 -32.10
CA GLY B 10 -35.57 18.12 -32.51
C GLY B 10 -35.13 16.71 -32.17
N GLN B 11 -33.94 16.35 -32.65
CA GLN B 11 -33.33 15.04 -32.44
C GLN B 11 -32.47 15.04 -31.20
N PRO B 12 -32.59 14.04 -30.34
CA PRO B 12 -31.78 14.01 -29.13
C PRO B 12 -30.30 14.08 -29.46
N GLY B 13 -29.58 14.91 -28.71
CA GLY B 13 -28.16 15.09 -28.91
C GLY B 13 -27.76 16.05 -30.01
N ILE B 14 -28.70 16.41 -30.87
CA ILE B 14 -28.43 17.44 -31.90
C ILE B 14 -28.94 18.75 -31.30
N CYS B 15 -28.09 19.39 -30.49
CA CYS B 15 -28.46 20.53 -29.66
C CYS B 15 -27.25 21.40 -29.38
N GLY B 16 -27.41 22.70 -29.57
CA GLY B 16 -26.33 23.62 -29.36
C GLY B 16 -26.20 24.10 -27.93
N LEU B 17 -25.19 24.94 -27.73
CA LEU B 17 -24.91 25.51 -26.42
C LEU B 17 -24.66 26.99 -26.65
N THR B 18 -25.46 27.82 -26.00
CA THR B 18 -25.27 29.25 -26.12
C THR B 18 -23.90 29.61 -25.57
N ASN B 19 -23.20 30.48 -26.31
CA ASN B 19 -21.97 31.09 -25.83
C ASN B 19 -22.35 32.17 -24.84
N LEU B 20 -21.79 32.09 -23.64
CA LEU B 20 -22.09 32.99 -22.55
C LEU B 20 -21.12 34.14 -22.47
N GLY B 21 -20.22 34.22 -23.44
CA GLY B 21 -19.13 35.18 -23.44
C GLY B 21 -17.78 34.52 -23.24
N ASN B 22 -17.09 34.25 -24.34
CA ASN B 22 -15.82 33.52 -24.36
C ASN B 22 -15.92 32.13 -23.72
N THR B 23 -17.04 31.42 -23.94
CA THR B 23 -17.20 30.07 -23.39
C THR B 23 -17.20 28.98 -24.47
N SER B 24 -16.68 29.26 -25.66
CA SER B 24 -16.67 28.22 -26.70
C SER B 24 -15.83 27.03 -26.28
N PHE B 25 -14.77 27.23 -25.50
CA PHE B 25 -13.94 26.11 -25.02
C PHE B 25 -14.77 25.16 -24.18
N MET B 26 -15.63 25.71 -23.35
CA MET B 26 -16.47 24.90 -22.48
C MET B 26 -17.51 24.15 -23.30
N ASN B 27 -18.12 24.86 -24.27
CA ASN B 27 -19.11 24.22 -25.10
C ASN B 27 -18.49 23.07 -25.87
N SER B 28 -17.29 23.29 -26.39
CA SER B 28 -16.62 22.26 -27.17
C SER B 28 -16.38 21.02 -26.32
N ALA B 29 -15.82 21.22 -25.12
CA ALA B 29 -15.62 20.10 -24.19
C ALA B 29 -16.94 19.41 -23.86
N LEU B 30 -18.00 20.18 -23.60
CA LEU B 30 -19.31 19.62 -23.31
C LEU B 30 -19.85 18.78 -24.47
N GLN B 31 -19.69 19.22 -25.71
CA GLN B 31 -20.22 18.44 -26.82
C GLN B 31 -19.44 17.14 -27.00
N CYS B 32 -18.14 17.20 -26.75
CA CYS B 32 -17.37 15.96 -26.74
C CYS B 32 -17.93 15.01 -25.70
N LEU B 33 -18.04 15.47 -24.46
CA LEU B 33 -18.46 14.53 -23.43
C LEU B 33 -19.88 14.07 -23.65
N SER B 34 -20.72 14.95 -24.22
CA SER B 34 -22.10 14.61 -24.51
C SER B 34 -22.18 13.46 -25.47
N ASN B 35 -21.20 13.31 -26.34
CA ASN B 35 -21.25 12.23 -27.30
C ASN B 35 -20.31 11.08 -26.94
N VAL B 36 -20.03 10.90 -25.66
CA VAL B 36 -19.47 9.65 -25.14
C VAL B 36 -20.65 8.78 -24.70
N PRO B 37 -20.96 7.70 -25.39
CA PRO B 37 -22.25 7.04 -25.16
C PRO B 37 -22.47 6.47 -23.76
N GLN B 38 -21.49 5.76 -23.20
CA GLN B 38 -21.73 5.11 -21.92
C GLN B 38 -21.83 6.12 -20.78
N LEU B 39 -21.11 7.25 -20.88
CA LEU B 39 -21.31 8.36 -19.95
C LEU B 39 -22.71 8.95 -20.06
N THR B 40 -23.14 9.27 -21.28
CA THR B 40 -24.46 9.90 -21.42
C THR B 40 -25.56 8.95 -20.93
N GLU B 41 -25.47 7.67 -21.24
CA GLU B 41 -26.46 6.74 -20.72
C GLU B 41 -26.43 6.70 -19.20
N TYR B 42 -25.23 6.71 -18.61
CA TYR B 42 -25.11 6.71 -17.16
C TYR B 42 -25.83 7.89 -16.52
N PHE B 43 -25.86 9.04 -17.18
CA PHE B 43 -26.58 10.19 -16.59
C PHE B 43 -28.06 10.19 -16.94
N LEU B 44 -28.42 9.75 -18.15
CA LEU B 44 -29.84 9.74 -18.59
C LEU B 44 -30.61 8.62 -17.86
N ASN B 45 -29.94 7.74 -17.14
CA ASN B 45 -30.61 6.61 -16.45
C ASN B 45 -30.45 6.80 -14.95
N ASN B 46 -29.94 7.95 -14.54
CA ASN B 46 -29.88 8.29 -13.10
C ASN B 46 -29.01 7.29 -12.34
N TYR B 48 -26.22 7.73 -11.67
CA TYR B 48 -25.33 8.62 -10.89
C TYR B 48 -25.90 8.90 -9.52
N LEU B 49 -27.20 8.77 -9.39
CA LEU B 49 -27.85 9.13 -8.12
C LEU B 49 -27.43 8.17 -7.01
N GLU B 50 -27.10 6.93 -7.33
CA GLU B 50 -26.61 6.01 -6.29
C GLU B 50 -25.12 6.21 -5.99
N GLU B 51 -24.40 6.93 -6.82
CA GLU B 51 -22.95 7.08 -6.61
C GLU B 51 -22.53 8.49 -6.24
N LEU B 52 -23.49 9.38 -6.00
CA LEU B 52 -23.12 10.73 -5.58
C LEU B 52 -22.36 10.70 -4.28
N ASN B 53 -21.24 11.40 -4.23
CA ASN B 53 -20.39 11.45 -3.06
C ASN B 53 -20.41 12.89 -2.55
N PHE B 54 -21.26 13.14 -1.57
CA PHE B 54 -21.45 14.51 -1.08
C PHE B 54 -20.37 14.91 -0.11
N ARG B 55 -19.87 14.00 0.71
N ARG B 55 -19.88 13.99 0.71
CA ARG B 55 -18.90 14.37 1.72
CA ARG B 55 -18.89 14.32 1.72
C ARG B 55 -17.47 14.44 1.18
C ARG B 55 -17.49 14.48 1.17
N ASN B 56 -17.26 14.19 -0.10
CA ASN B 56 -15.91 14.18 -0.64
C ASN B 56 -15.31 15.57 -0.61
N PRO B 57 -14.22 15.80 0.13
CA PRO B 57 -13.60 17.13 0.12
C PRO B 57 -13.06 17.54 -1.23
N LEU B 58 -12.66 16.59 -2.06
CA LEU B 58 -12.13 16.93 -3.38
C LEU B 58 -13.23 17.13 -4.43
N GLY B 59 -14.49 16.90 -4.09
CA GLY B 59 -15.58 17.18 -4.97
C GLY B 59 -16.21 18.53 -4.73
N MET B 60 -17.48 18.66 -5.17
CA MET B 60 -18.26 19.86 -4.89
C MET B 60 -19.66 19.45 -4.46
N LYS B 61 -19.75 18.53 -3.50
CA LYS B 61 -21.02 18.20 -2.87
C LYS B 61 -22.02 17.64 -3.88
N GLY B 62 -21.51 17.00 -4.93
CA GLY B 62 -22.33 16.43 -5.98
C GLY B 62 -22.83 17.42 -7.00
N GLU B 63 -22.57 18.72 -6.83
CA GLU B 63 -23.22 19.73 -7.66
C GLU B 63 -22.74 19.68 -9.10
N ILE B 64 -21.46 19.36 -9.31
CA ILE B 64 -20.93 19.25 -10.68
C ILE B 64 -21.61 18.10 -11.41
N ALA B 65 -21.72 16.95 -10.76
CA ALA B 65 -22.35 15.79 -11.40
C ALA B 65 -23.82 16.06 -11.72
N GLU B 66 -24.56 16.71 -10.79
CA GLU B 66 -25.97 17.01 -11.05
C GLU B 66 -26.14 18.06 -12.14
N ALA B 67 -25.35 19.13 -12.12
CA ALA B 67 -25.48 20.15 -13.16
C ALA B 67 -25.17 19.57 -14.54
N TYR B 68 -24.11 18.76 -14.64
CA TYR B 68 -23.80 18.07 -15.89
C TYR B 68 -24.92 17.13 -16.29
N ALA B 69 -25.50 16.42 -15.33
CA ALA B 69 -26.58 15.52 -15.66
C ALA B 69 -27.77 16.29 -16.25
N ASP B 70 -28.13 17.43 -15.66
CA ASP B 70 -29.23 18.22 -16.22
C ASP B 70 -28.92 18.65 -17.64
N LEU B 71 -27.66 19.10 -17.89
CA LEU B 71 -27.27 19.44 -19.25
C LEU B 71 -27.48 18.27 -20.20
N VAL B 72 -27.00 17.09 -19.80
CA VAL B 72 -27.11 15.91 -20.65
C VAL B 72 -28.58 15.60 -20.93
N LYS B 73 -29.39 15.61 -19.87
CA LYS B 73 -30.81 15.25 -20.00
C LYS B 73 -31.53 16.23 -20.92
N GLN B 74 -31.21 17.52 -20.82
CA GLN B 74 -31.87 18.50 -21.70
C GLN B 74 -31.42 18.33 -23.15
N ALA B 75 -30.12 18.12 -23.37
CA ALA B 75 -29.61 17.98 -24.72
C ALA B 75 -30.14 16.73 -25.41
N TRP B 76 -30.27 15.64 -24.66
CA TRP B 76 -30.74 14.39 -25.25
C TRP B 76 -32.25 14.23 -25.11
N SER B 77 -32.95 15.28 -24.66
CA SER B 77 -34.40 15.21 -24.58
C SER B 77 -35.08 15.35 -25.94
N GLY B 78 -34.44 16.04 -26.89
CA GLY B 78 -35.09 16.36 -28.14
C GLY B 78 -36.02 17.56 -28.07
N HIS B 79 -36.02 18.29 -26.97
CA HIS B 79 -36.91 19.43 -26.81
C HIS B 79 -36.32 20.74 -27.29
N HIS B 80 -35.01 20.81 -27.45
CA HIS B 80 -34.35 22.09 -27.62
C HIS B 80 -33.51 22.12 -28.89
N ARG B 81 -33.51 23.29 -29.55
CA ARG B 81 -32.51 23.56 -30.58
C ARG B 81 -31.16 23.87 -29.95
N SER B 82 -31.17 24.53 -28.78
CA SER B 82 -29.95 24.86 -28.06
C SER B 82 -30.28 25.20 -26.61
N ILE B 83 -29.25 25.20 -25.79
CA ILE B 83 -29.36 25.22 -24.33
C ILE B 83 -28.43 26.29 -23.78
N VAL B 84 -28.84 26.95 -22.71
CA VAL B 84 -28.02 27.99 -22.10
C VAL B 84 -27.40 27.49 -20.78
N PRO B 85 -26.18 27.00 -20.81
CA PRO B 85 -25.57 26.38 -19.63
C PRO B 85 -24.98 27.36 -18.63
N HIS B 86 -25.76 28.36 -18.24
CA HIS B 86 -25.20 29.33 -17.29
C HIS B 86 -25.08 28.75 -15.88
N VAL B 87 -26.02 27.92 -15.46
CA VAL B 87 -25.92 27.28 -14.16
C VAL B 87 -24.67 26.44 -14.11
N PHE B 88 -24.46 25.63 -15.16
CA PHE B 88 -23.27 24.79 -15.24
C PHE B 88 -22.00 25.61 -15.24
N LYS B 89 -22.01 26.75 -15.93
CA LYS B 89 -20.82 27.60 -15.91
C LYS B 89 -20.51 28.05 -14.49
N ASN B 90 -21.52 28.50 -13.77
CA ASN B 90 -21.24 29.00 -12.41
C ASN B 90 -20.77 27.86 -11.50
N LYS B 91 -21.37 26.68 -11.60
CA LYS B 91 -20.88 25.55 -10.79
C LYS B 91 -19.42 25.22 -11.12
N VAL B 92 -19.06 25.21 -12.41
CA VAL B 92 -17.68 24.95 -12.78
C VAL B 92 -16.76 26.02 -12.19
N GLY B 93 -17.18 27.28 -12.24
CA GLY B 93 -16.36 28.36 -11.74
C GLY B 93 -16.15 28.27 -10.24
N HIS B 94 -17.18 27.84 -9.51
CA HIS B 94 -17.02 27.57 -8.09
C HIS B 94 -16.08 26.42 -7.82
N PHE B 95 -16.14 25.38 -8.66
CA PHE B 95 -15.24 24.25 -8.49
C PHE B 95 -13.82 24.59 -8.92
N ALA B 96 -13.66 25.48 -9.90
CA ALA B 96 -12.34 25.79 -10.45
C ALA B 96 -12.34 27.27 -10.79
N SER B 97 -11.80 28.07 -9.88
CA SER B 97 -11.97 29.52 -9.94
C SER B 97 -11.44 30.15 -11.21
N GLN B 98 -10.48 29.53 -11.90
CA GLN B 98 -9.93 30.18 -13.09
C GLN B 98 -11.00 30.42 -14.15
N PHE B 99 -12.03 29.61 -14.14
CA PHE B 99 -13.10 29.73 -15.11
C PHE B 99 -14.17 30.73 -14.68
N LEU B 100 -14.05 31.35 -13.51
CA LEU B 100 -14.86 32.51 -13.22
C LEU B 100 -14.58 33.59 -14.24
N GLY B 101 -15.63 34.34 -14.56
CA GLY B 101 -15.52 35.45 -15.48
C GLY B 101 -15.73 34.99 -16.91
N TYR B 102 -15.18 35.77 -17.84
CA TYR B 102 -15.39 35.55 -19.26
C TYR B 102 -14.10 35.59 -20.05
N GLN B 103 -13.05 34.99 -19.52
CA GLN B 103 -11.79 34.85 -20.23
C GLN B 103 -11.78 33.61 -21.13
N GLN B 104 -10.93 33.65 -22.15
CA GLN B 104 -10.76 32.51 -23.06
C GLN B 104 -9.88 31.43 -22.44
N HIS B 105 -10.26 30.18 -22.67
CA HIS B 105 -9.64 29.08 -21.98
C HIS B 105 -9.35 27.92 -22.92
N ASP B 106 -8.55 26.99 -22.40
CA ASP B 106 -8.19 25.79 -23.14
C ASP B 106 -9.22 24.70 -22.90
N SER B 107 -9.64 24.05 -23.98
CA SER B 107 -10.74 23.11 -23.84
C SER B 107 -10.29 21.80 -23.16
N GLN B 108 -9.04 21.39 -23.35
CA GLN B 108 -8.57 20.22 -22.63
C GLN B 108 -8.42 20.52 -21.12
N GLU B 109 -8.03 21.73 -20.78
CA GLU B 109 -7.95 22.11 -19.36
C GLU B 109 -9.33 22.09 -18.70
N LEU B 110 -10.32 22.65 -19.38
CA LEU B 110 -11.65 22.61 -18.80
C LEU B 110 -12.12 21.17 -18.72
N LEU B 111 -11.98 20.44 -19.81
CA LEU B 111 -12.33 19.03 -19.82
C LEU B 111 -11.71 18.29 -18.63
N SER B 112 -10.46 18.62 -18.32
CA SER B 112 -9.80 17.89 -17.24
C SER B 112 -10.44 18.25 -15.90
N PHE B 113 -10.76 19.54 -15.68
CA PHE B 113 -11.42 19.91 -14.42
C PHE B 113 -12.82 19.32 -14.35
N LEU B 114 -13.53 19.33 -15.48
CA LEU B 114 -14.86 18.74 -15.49
C LEU B 114 -14.81 17.24 -15.22
N LEU B 115 -13.90 16.51 -15.89
CA LEU B 115 -13.79 15.08 -15.64
C LEU B 115 -13.41 14.81 -14.20
N ASP B 116 -12.46 15.57 -13.66
CA ASP B 116 -12.06 15.37 -12.26
C ASP B 116 -13.21 15.67 -11.31
N GLY B 117 -13.99 16.72 -11.61
CA GLY B 117 -15.13 17.05 -10.77
C GLY B 117 -16.21 16.00 -10.80
N LEU B 118 -16.56 15.52 -11.99
CA LEU B 118 -17.45 14.36 -12.07
C LEU B 118 -16.86 13.19 -11.27
N HIS B 119 -15.58 12.91 -11.45
CA HIS B 119 -15.00 11.73 -10.83
C HIS B 119 -15.14 11.83 -9.33
N GLU B 120 -14.79 12.99 -8.75
CA GLU B 120 -14.80 13.13 -7.29
C GLU B 120 -16.22 13.23 -6.73
N ASP B 121 -17.15 13.91 -7.45
CA ASP B 121 -18.54 13.91 -7.03
C ASP B 121 -19.17 12.53 -7.07
N LEU B 122 -18.54 11.58 -7.77
CA LEU B 122 -19.04 10.22 -7.91
C LEU B 122 -18.06 9.16 -7.40
N ASN B 123 -17.07 9.55 -6.62
CA ASN B 123 -16.04 8.60 -6.23
C ASN B 123 -16.57 7.64 -5.19
N ARG B 124 -16.41 6.35 -5.46
CA ARG B 124 -16.85 5.27 -4.59
C ARG B 124 -15.89 5.03 -3.45
N VAL B 125 -14.75 5.69 -3.46
CA VAL B 125 -13.80 5.60 -2.34
C VAL B 125 -14.23 6.58 -1.27
N LYS B 126 -14.21 6.13 -0.02
CA LYS B 126 -14.64 7.03 1.03
C LYS B 126 -13.53 7.99 1.42
N LYS B 127 -12.31 7.50 1.54
CA LYS B 127 -11.18 8.32 1.95
C LYS B 127 -9.94 7.89 1.19
N LYS B 128 -9.14 8.84 0.79
CA LYS B 128 -7.93 8.53 0.02
C LYS B 128 -6.73 8.26 0.92
N GLU B 129 -6.11 7.11 0.71
CA GLU B 129 -4.94 6.69 1.46
C GLU B 129 -3.73 6.71 0.54
N TYR B 130 -2.61 7.24 1.04
CA TYR B 130 -1.33 7.11 0.37
C TYR B 130 -0.63 5.84 0.83
N VAL B 131 -0.25 4.99 -0.13
CA VAL B 131 0.49 3.77 0.18
C VAL B 131 1.69 3.70 -0.77
N GLU B 132 2.89 3.62 -0.22
CA GLU B 132 4.08 3.53 -1.07
C GLU B 132 4.05 2.22 -1.85
N LEU B 133 4.25 2.32 -3.15
CA LEU B 133 4.32 1.13 -3.99
C LEU B 133 5.60 0.38 -3.69
N CYS B 134 5.53 -0.95 -3.75
CA CYS B 134 6.72 -1.74 -3.48
C CYS B 134 7.63 -1.71 -4.70
N ASP B 135 8.91 -1.80 -4.42
CA ASP B 135 9.92 -1.83 -5.46
C ASP B 135 9.59 -2.93 -6.44
N ALA B 136 9.55 -2.59 -7.73
CA ALA B 136 9.24 -3.61 -8.72
C ALA B 136 10.36 -4.64 -8.89
N ALA B 137 11.58 -4.32 -8.44
CA ALA B 137 12.75 -5.06 -8.87
C ALA B 137 12.54 -6.57 -8.85
N GLY B 138 12.69 -7.20 -10.02
CA GLY B 138 12.68 -8.63 -10.12
C GLY B 138 11.34 -9.32 -10.14
N ARG B 139 10.22 -8.56 -10.32
CA ARG B 139 8.90 -9.17 -10.37
C ARG B 139 8.26 -8.99 -11.74
N PRO B 140 7.39 -9.92 -12.15
CA PRO B 140 6.78 -9.82 -13.49
C PRO B 140 5.88 -8.62 -13.65
N ASP B 141 5.78 -8.14 -14.90
CA ASP B 141 5.06 -6.90 -15.18
C ASP B 141 3.60 -6.99 -14.77
N GLN B 142 2.96 -8.11 -15.00
CA GLN B 142 1.55 -8.18 -14.68
C GLN B 142 1.31 -7.89 -13.21
N GLU B 143 2.18 -8.42 -12.35
CA GLU B 143 2.07 -8.27 -10.89
C GLU B 143 2.34 -6.83 -10.47
N VAL B 144 3.40 -6.22 -10.98
CA VAL B 144 3.71 -4.83 -10.66
C VAL B 144 2.61 -3.90 -11.19
N ALA B 145 2.14 -4.16 -12.40
CA ALA B 145 1.09 -3.36 -12.99
C ALA B 145 -0.18 -3.46 -12.17
N GLN B 146 -0.52 -4.67 -11.74
CA GLN B 146 -1.69 -4.86 -10.90
C GLN B 146 -1.52 -4.07 -9.59
N GLU B 147 -0.31 -4.09 -9.02
CA GLU B 147 -0.10 -3.38 -7.76
C GLU B 147 -0.36 -1.89 -7.93
N ALA B 148 0.15 -1.30 -9.03
CA ALA B 148 -0.07 0.12 -9.30
C ALA B 148 -1.53 0.44 -9.60
N TRP B 149 -2.21 -0.44 -10.31
CA TRP B 149 -3.59 -0.17 -10.65
C TRP B 149 -4.47 -0.22 -9.40
N GLN B 150 -4.28 -1.22 -8.53
CA GLN B 150 -5.03 -1.29 -7.29
C GLN B 150 -4.70 -0.11 -6.38
N ASN B 151 -3.44 0.34 -6.40
CA ASN B 151 -3.10 1.55 -5.65
C ASN B 151 -3.93 2.74 -6.12
N HIS B 152 -4.09 2.88 -7.44
CA HIS B 152 -4.92 3.94 -8.00
C HIS B 152 -6.39 3.76 -7.64
N LYS B 153 -6.90 2.54 -7.75
CA LYS B 153 -8.33 2.29 -7.54
C LYS B 153 -8.69 2.42 -6.06
N ARG B 154 -7.72 2.19 -5.18
CA ARG B 154 -7.99 2.34 -3.76
C ARG B 154 -8.36 3.78 -3.46
N ARG B 155 -7.85 4.72 -4.26
CA ARG B 155 -8.12 6.14 -4.11
C ARG B 155 -9.16 6.64 -5.09
N ASN B 156 -9.24 6.05 -6.29
CA ASN B 156 -10.07 6.56 -7.37
C ASN B 156 -10.83 5.42 -7.99
N ASP B 157 -12.14 5.39 -7.75
CA ASP B 157 -13.02 4.34 -8.26
C ASP B 157 -14.34 5.02 -8.63
N SER B 158 -14.51 5.27 -9.93
CA SER B 158 -15.73 5.91 -10.40
C SER B 158 -16.00 5.53 -11.84
N VAL B 159 -17.15 5.98 -12.34
CA VAL B 159 -17.47 5.79 -13.74
C VAL B 159 -16.45 6.48 -14.63
N ILE B 160 -15.89 7.60 -14.16
CA ILE B 160 -14.84 8.29 -14.91
C ILE B 160 -13.60 7.42 -15.05
N VAL B 161 -13.15 6.81 -13.96
CA VAL B 161 -12.01 5.93 -14.05
C VAL B 161 -12.36 4.74 -14.94
N ASP B 162 -13.56 4.15 -14.74
CA ASP B 162 -13.95 2.97 -15.49
C ASP B 162 -14.03 3.26 -16.98
N THR B 163 -14.25 4.50 -17.34
CA THR B 163 -14.50 4.84 -18.72
C THR B 163 -13.25 5.34 -19.44
N PHE B 164 -12.41 6.14 -18.77
CA PHE B 164 -11.38 6.89 -19.48
C PHE B 164 -9.93 6.55 -19.11
N HIS B 165 -9.68 5.83 -18.02
CA HIS B 165 -8.33 5.73 -17.47
C HIS B 165 -7.67 4.47 -17.98
N GLY B 166 -6.42 4.61 -18.40
CA GLY B 166 -5.58 3.49 -18.71
C GLY B 166 -4.32 3.53 -17.87
N LEU B 167 -3.35 2.73 -18.30
CA LEU B 167 -2.09 2.55 -17.59
C LEU B 167 -0.92 2.56 -18.54
N PHE B 168 0.06 3.42 -18.22
CA PHE B 168 1.37 3.52 -18.84
C PHE B 168 2.39 2.65 -18.08
N LYS B 169 3.27 2.00 -18.84
CA LYS B 169 4.52 1.48 -18.32
C LYS B 169 5.69 2.41 -18.71
N SER B 170 6.55 2.66 -17.75
CA SER B 170 7.77 3.43 -17.91
C SER B 170 8.96 2.55 -17.49
N THR B 171 9.96 2.43 -18.36
CA THR B 171 11.14 1.61 -18.10
C THR B 171 12.40 2.46 -18.15
N LEU B 172 13.25 2.32 -17.15
CA LEU B 172 14.56 2.94 -17.11
C LEU B 172 15.62 1.85 -17.16
N VAL B 173 16.66 2.07 -17.97
CA VAL B 173 17.76 1.11 -18.09
C VAL B 173 19.06 1.82 -17.83
N CYS B 174 19.81 1.35 -16.90
CA CYS B 174 21.11 1.94 -16.65
C CYS B 174 22.12 1.43 -17.68
N PRO B 175 22.82 2.31 -18.36
CA PRO B 175 23.83 1.86 -19.32
C PRO B 175 25.06 1.24 -18.69
N ASP B 176 25.30 1.42 -17.39
CA ASP B 176 26.51 0.91 -16.76
C ASP B 176 26.33 -0.53 -16.24
N CYS B 177 25.35 -0.73 -15.35
CA CYS B 177 25.14 -2.04 -14.77
C CYS B 177 24.00 -2.80 -15.43
N GLY B 178 23.22 -2.15 -16.30
CA GLY B 178 22.08 -2.83 -16.90
C GLY B 178 20.88 -2.97 -16.00
N ASN B 179 20.90 -2.35 -14.83
CA ASN B 179 19.74 -2.34 -13.94
C ASN B 179 18.51 -1.79 -14.65
N VAL B 180 17.38 -2.46 -14.48
CA VAL B 180 16.11 -2.08 -15.10
C VAL B 180 15.14 -1.72 -13.99
N SER B 181 14.54 -0.53 -14.07
CA SER B 181 13.58 -0.04 -13.08
C SER B 181 12.28 0.32 -13.78
N VAL B 182 11.22 -0.38 -13.40
CA VAL B 182 9.90 -0.29 -14.00
C VAL B 182 8.93 0.42 -13.08
N THR B 183 8.08 1.28 -13.68
CA THR B 183 7.03 2.02 -13.00
C THR B 183 5.80 1.96 -13.88
N PHE B 184 4.62 1.99 -13.24
CA PHE B 184 3.33 2.03 -13.93
C PHE B 184 2.58 3.23 -13.39
N ASP B 185 2.13 4.09 -14.29
CA ASP B 185 1.41 5.30 -14.00
C ASP B 185 0.04 5.27 -14.66
N PRO B 186 -1.05 5.53 -13.94
CA PRO B 186 -2.36 5.70 -14.59
C PRO B 186 -2.39 6.98 -15.42
N PHE B 187 -3.28 7.00 -16.40
CA PHE B 187 -3.45 8.18 -17.22
C PHE B 187 -4.90 8.30 -17.68
N CYS B 188 -5.28 9.52 -17.97
CA CYS B 188 -6.56 9.85 -18.54
C CYS B 188 -6.47 10.58 -19.86
N TYR B 189 -5.40 11.32 -20.11
CA TYR B 189 -5.14 12.01 -21.37
C TYR B 189 -3.82 11.47 -21.93
N LEU B 190 -3.84 11.08 -23.19
CA LEU B 190 -2.67 10.67 -23.93
C LEU B 190 -2.18 11.92 -24.66
N SER B 191 -1.20 12.60 -24.08
CA SER B 191 -0.69 13.86 -24.59
C SER B 191 0.56 13.55 -25.41
N VAL B 192 0.39 13.61 -26.74
CA VAL B 192 1.44 13.15 -27.64
C VAL B 192 2.17 14.33 -28.24
N PRO B 193 3.50 14.28 -28.29
CA PRO B 193 4.24 15.36 -28.92
C PRO B 193 4.13 15.22 -30.41
N LEU B 194 4.33 16.34 -31.08
CA LEU B 194 4.42 16.39 -32.52
C LEU B 194 5.88 16.30 -32.97
N PRO B 195 6.15 15.56 -34.04
CA PRO B 195 7.52 15.48 -34.57
C PRO B 195 7.97 16.81 -35.13
N GLY B 196 9.22 17.18 -34.82
CA GLY B 196 9.74 18.49 -35.20
C GLY B 196 10.83 18.54 -36.24
N ALA B 197 10.55 19.22 -37.38
CA ALA B 197 11.46 19.27 -38.53
C ALA B 197 12.23 20.59 -38.54
N LYS B 198 13.25 20.66 -37.68
CA LYS B 198 13.96 21.91 -37.45
C LYS B 198 15.47 21.75 -37.65
N LYS B 199 15.92 21.06 -38.71
CA LYS B 199 17.35 20.87 -39.00
C LYS B 199 17.80 21.80 -40.13
N ILE B 200 18.76 22.68 -39.84
CA ILE B 200 19.26 23.65 -40.80
C ILE B 200 20.77 23.55 -40.95
N LEU B 201 21.25 23.52 -42.19
CA LEU B 201 22.67 23.55 -42.47
C LEU B 201 23.05 24.90 -43.11
N ILE B 202 24.10 25.53 -42.60
CA ILE B 202 24.59 26.78 -43.11
C ILE B 202 25.91 26.51 -43.81
N VAL B 203 25.95 26.77 -45.12
CA VAL B 203 27.18 26.69 -45.90
C VAL B 203 27.59 28.13 -46.14
N GLU B 204 28.61 28.59 -45.41
CA GLU B 204 28.99 29.99 -45.44
C GLU B 204 30.46 30.09 -45.10
N SER B 205 31.21 30.83 -45.92
CA SER B 205 32.63 31.04 -45.65
C SER B 205 32.86 32.18 -44.66
N ASP B 206 31.87 33.05 -44.42
CA ASP B 206 31.96 34.09 -43.39
C ASP B 206 31.52 33.51 -42.03
N THR B 207 32.51 33.12 -41.20
CA THR B 207 32.17 32.40 -39.99
C THR B 207 31.48 33.29 -38.97
N ALA B 208 31.81 34.57 -38.94
CA ALA B 208 31.13 35.50 -38.04
C ALA B 208 29.66 35.64 -38.42
N LEU B 209 29.38 35.83 -39.72
CA LEU B 209 27.99 35.88 -40.17
C LEU B 209 27.30 34.54 -39.93
N SER B 210 28.01 33.44 -40.20
CA SER B 210 27.44 32.10 -40.04
C SER B 210 27.05 31.84 -38.58
N ALA B 211 27.93 32.18 -37.64
CA ALA B 211 27.64 31.98 -36.22
C ALA B 211 26.49 32.88 -35.77
N THR B 212 26.40 34.11 -36.28
CA THR B 212 25.26 34.96 -35.95
C THR B 212 23.95 34.30 -36.36
N LEU B 213 23.87 33.87 -37.61
CA LEU B 213 22.64 33.25 -38.08
C LEU B 213 22.36 31.96 -37.32
N ARG B 214 23.41 31.21 -37.01
CA ARG B 214 23.22 29.99 -36.21
C ARG B 214 22.58 30.32 -34.87
N SER B 215 23.07 31.35 -34.19
CA SER B 215 22.47 31.69 -32.90
C SER B 215 21.00 32.04 -33.09
N ALA B 216 20.71 32.88 -34.09
CA ALA B 216 19.31 33.28 -34.32
C ALA B 216 18.44 32.07 -34.57
N LEU B 217 18.97 31.09 -35.30
CA LEU B 217 18.14 29.92 -35.66
C LEU B 217 17.99 28.98 -34.47
N GLU B 218 19.03 28.85 -33.66
CA GLU B 218 18.97 27.91 -32.50
C GLU B 218 18.10 28.55 -31.43
N GLY B 219 17.46 29.67 -31.75
CA GLY B 219 16.58 30.36 -30.81
C GLY B 219 15.12 30.10 -31.10
N ARG B 220 14.81 29.34 -32.16
CA ARG B 220 13.40 28.98 -32.41
C ARG B 220 13.32 27.45 -32.51
N GLY B 221 14.28 26.76 -31.90
CA GLY B 221 14.21 25.29 -31.85
C GLY B 221 14.83 24.62 -33.05
N PHE B 222 15.47 25.42 -33.89
CA PHE B 222 16.11 24.86 -35.09
C PHE B 222 17.49 24.36 -34.71
N THR B 223 17.72 23.09 -34.91
CA THR B 223 19.08 22.56 -34.80
C THR B 223 19.88 23.05 -35.99
N VAL B 224 21.12 23.48 -35.74
CA VAL B 224 21.94 24.09 -36.79
C VAL B 224 23.32 23.45 -36.85
N ASP B 225 23.71 23.03 -38.06
CA ASP B 225 25.08 22.64 -38.36
C ASP B 225 25.71 23.69 -39.27
N GLU B 226 27.03 23.78 -39.21
CA GLU B 226 27.75 24.79 -39.99
C GLU B 226 28.89 24.13 -40.79
N THR B 227 29.18 24.70 -41.95
CA THR B 227 30.33 24.26 -42.72
C THR B 227 30.76 25.38 -43.66
N THR B 228 32.08 25.56 -43.76
CA THR B 228 32.69 26.48 -44.71
C THR B 228 33.20 25.76 -45.94
N ASP B 229 33.00 24.44 -45.98
CA ASP B 229 33.51 23.59 -47.04
C ASP B 229 32.41 23.44 -48.08
N GLY B 230 32.47 24.28 -49.12
CA GLY B 230 31.47 24.20 -50.18
C GLY B 230 31.60 22.93 -51.01
N LYS B 231 32.83 22.46 -51.22
CA LYS B 231 33.03 21.30 -52.09
C LYS B 231 32.30 20.10 -51.52
N GLY B 232 32.51 19.80 -50.27
CA GLY B 232 31.87 18.65 -49.70
C GLY B 232 30.46 18.88 -49.24
N SER B 233 29.95 20.10 -49.36
CA SER B 233 28.65 20.40 -48.78
C SER B 233 27.56 19.53 -49.39
N VAL B 234 27.63 19.25 -50.69
CA VAL B 234 26.59 18.46 -51.36
C VAL B 234 26.47 17.06 -50.73
N GLU B 235 27.61 16.39 -50.51
CA GLU B 235 27.56 15.06 -49.90
C GLU B 235 27.23 15.12 -48.41
N GLN B 236 27.69 16.16 -47.71
CA GLN B 236 27.24 16.34 -46.33
C GLN B 236 25.73 16.51 -46.28
N ILE B 237 25.13 17.20 -47.25
CA ILE B 237 23.69 17.34 -47.30
C ILE B 237 23.06 15.97 -47.52
N ARG B 238 23.64 15.16 -48.40
CA ARG B 238 23.10 13.82 -48.60
C ARG B 238 23.22 12.96 -47.35
N ARG B 239 24.26 13.18 -46.53
CA ARG B 239 24.44 12.39 -45.31
C ARG B 239 23.56 12.88 -44.16
N ASP B 240 23.68 14.16 -43.81
CA ASP B 240 23.01 14.72 -42.65
C ASP B 240 21.53 15.03 -42.89
N ARG B 241 21.11 15.14 -44.14
CA ARG B 241 19.71 15.31 -44.50
C ARG B 241 19.04 16.48 -43.77
N PRO B 242 19.56 17.69 -43.89
CA PRO B 242 18.93 18.84 -43.24
C PRO B 242 17.57 19.14 -43.84
N ASP B 243 16.75 19.85 -43.08
CA ASP B 243 15.44 20.27 -43.56
C ASP B 243 15.49 21.56 -44.34
N LEU B 244 16.62 22.29 -44.29
CA LEU B 244 16.79 23.51 -45.05
C LEU B 244 18.29 23.85 -45.08
N VAL B 245 18.76 24.34 -46.22
CA VAL B 245 20.14 24.75 -46.39
C VAL B 245 20.14 26.24 -46.66
N VAL B 246 20.89 26.99 -45.84
CA VAL B 246 21.22 28.37 -46.12
C VAL B 246 22.58 28.35 -46.78
N LEU B 247 22.62 28.80 -48.03
CA LEU B 247 23.77 28.61 -48.91
C LEU B 247 24.25 29.97 -49.38
N ALA B 248 25.51 30.29 -49.10
CA ALA B 248 26.11 31.55 -49.49
C ALA B 248 26.63 31.51 -50.92
N VAL B 249 26.59 32.66 -51.58
CA VAL B 249 27.10 32.72 -52.96
C VAL B 249 28.62 32.61 -52.96
N ASP B 250 29.28 33.40 -52.10
N ASP B 250 29.24 33.21 -51.96
CA ASP B 250 30.74 33.47 -52.13
CA ASP B 250 30.66 33.52 -51.90
C ASP B 250 31.30 32.48 -51.13
C ASP B 250 31.34 32.47 -51.01
N LEU B 251 32.07 31.52 -51.63
CA LEU B 251 32.63 30.45 -50.84
C LEU B 251 34.13 30.31 -51.09
N SER B 252 34.79 29.74 -50.09
CA SER B 252 36.23 29.56 -50.11
C SER B 252 36.64 28.49 -51.11
N ALA B 253 37.93 28.49 -51.46
CA ALA B 253 38.49 27.53 -52.41
C ALA B 253 37.71 27.53 -53.73
N GLY B 254 37.38 28.73 -54.21
CA GLY B 254 36.72 28.86 -55.49
C GLY B 254 35.44 28.05 -55.62
N GLN B 255 34.68 27.97 -54.54
CA GLN B 255 33.39 27.32 -54.56
C GLN B 255 32.31 28.35 -54.84
N ASN B 256 31.25 27.91 -55.52
CA ASN B 256 30.20 28.81 -55.97
C ASN B 256 28.86 28.30 -55.46
N GLY B 257 28.19 29.10 -54.65
CA GLY B 257 26.89 28.72 -54.13
C GLY B 257 25.89 28.44 -55.23
N TYR B 258 25.95 29.20 -56.32
CA TYR B 258 25.05 28.99 -57.45
C TYR B 258 25.22 27.60 -58.07
N LEU B 259 26.48 27.18 -58.23
CA LEU B 259 26.73 25.85 -58.79
C LEU B 259 26.30 24.75 -57.82
N ILE B 260 26.60 24.93 -56.54
CA ILE B 260 26.22 23.94 -55.53
C ILE B 260 24.69 23.79 -55.52
N CYS B 261 23.99 24.92 -55.54
CA CYS B 261 22.54 24.89 -55.62
C CYS B 261 22.08 24.14 -56.86
N GLY B 262 22.71 24.42 -58.02
CA GLY B 262 22.35 23.69 -59.23
C GLY B 262 22.55 22.19 -59.09
N LYS B 263 23.65 21.78 -58.48
CA LYS B 263 23.88 20.35 -58.27
C LYS B 263 22.80 19.74 -57.38
N LEU B 264 22.44 20.42 -56.31
CA LEU B 264 21.42 19.87 -55.43
C LEU B 264 20.07 19.79 -56.11
N LYS B 265 19.76 20.79 -56.93
CA LYS B 265 18.46 20.85 -57.56
C LYS B 265 18.32 19.89 -58.73
N LYS B 266 19.43 19.43 -59.33
CA LYS B 266 19.30 18.37 -60.33
C LYS B 266 19.32 16.96 -59.73
N ASP B 267 19.91 16.79 -58.55
CA ASP B 267 19.97 15.48 -57.92
C ASP B 267 18.57 15.09 -57.45
N ASP B 268 18.17 13.86 -57.73
CA ASP B 268 16.83 13.40 -57.39
C ASP B 268 16.59 13.40 -55.90
N ASP B 269 17.52 12.84 -55.12
CA ASP B 269 17.32 12.78 -53.68
C ASP B 269 17.19 14.17 -53.08
N LEU B 270 18.08 15.07 -53.46
CA LEU B 270 18.23 16.33 -52.76
C LEU B 270 17.41 17.46 -53.37
N LYS B 271 16.73 17.22 -54.50
CA LYS B 271 16.10 18.31 -55.24
C LYS B 271 14.98 18.98 -54.45
N ASN B 272 14.33 18.23 -53.56
N ASN B 272 14.34 18.23 -53.55
CA ASN B 272 13.21 18.76 -52.78
CA ASN B 272 13.21 18.76 -52.79
C ASN B 272 13.65 19.38 -51.47
C ASN B 272 13.65 19.34 -51.44
N VAL B 273 14.94 19.43 -51.19
CA VAL B 273 15.45 20.09 -50.00
C VAL B 273 15.45 21.60 -50.23
N PRO B 274 14.69 22.37 -49.44
CA PRO B 274 14.65 23.82 -49.66
C PRO B 274 16.00 24.48 -49.43
N ILE B 275 16.30 25.45 -50.28
CA ILE B 275 17.59 26.12 -50.30
C ILE B 275 17.31 27.63 -50.24
N VAL B 276 17.95 28.31 -49.29
CA VAL B 276 17.96 29.76 -49.23
C VAL B 276 19.36 30.24 -49.60
N ILE B 277 19.45 31.02 -50.67
CA ILE B 277 20.74 31.58 -51.07
C ILE B 277 20.88 32.96 -50.43
N ILE B 278 22.00 33.19 -49.76
CA ILE B 278 22.35 34.50 -49.22
C ILE B 278 23.58 35.02 -49.95
N GLY B 279 23.52 36.28 -50.41
CA GLY B 279 24.67 36.86 -51.05
C GLY B 279 24.47 38.34 -51.27
N ASN B 280 25.56 39.01 -51.68
CA ASN B 280 25.51 40.42 -52.04
C ASN B 280 24.54 40.65 -53.19
N PRO B 281 23.61 41.61 -53.07
CA PRO B 281 22.58 41.77 -54.11
C PRO B 281 23.11 42.19 -55.47
N ASP B 282 24.15 42.99 -55.52
CA ASP B 282 24.61 43.52 -56.80
C ASP B 282 25.11 42.37 -57.68
N GLY B 283 25.13 42.60 -58.97
CA GLY B 283 25.52 41.56 -59.89
C GLY B 283 24.37 40.69 -60.35
N PHE B 284 23.12 41.11 -60.10
CA PHE B 284 21.94 40.32 -60.43
C PHE B 284 21.95 38.99 -59.66
N ALA B 285 22.36 39.07 -58.39
CA ALA B 285 22.41 37.89 -57.55
C ALA B 285 21.05 37.20 -57.50
N GLN B 286 19.97 37.97 -57.36
CA GLN B 286 18.66 37.35 -57.26
C GLN B 286 18.33 36.54 -58.50
N HIS B 287 18.63 37.08 -59.68
CA HIS B 287 18.42 36.35 -60.92
C HIS B 287 19.20 35.03 -60.91
N ARG B 288 20.48 35.10 -60.60
CA ARG B 288 21.29 33.89 -60.64
C ARG B 288 20.81 32.88 -59.61
N ALA B 289 20.53 33.33 -58.40
CA ALA B 289 20.07 32.44 -57.34
C ALA B 289 18.82 31.72 -57.76
N LEU B 290 17.86 32.45 -58.31
CA LEU B 290 16.58 31.85 -58.64
C LEU B 290 16.69 31.00 -59.90
N SER B 291 17.63 31.34 -60.78
CA SER B 291 17.86 30.60 -62.01
C SER B 291 18.57 29.30 -61.72
N ALA B 292 19.41 29.26 -60.66
CA ALA B 292 19.99 28.03 -60.13
C ALA B 292 18.98 27.21 -59.41
N HIS B 293 17.73 27.64 -59.46
CA HIS B 293 16.60 26.96 -58.83
C HIS B 293 16.62 27.04 -57.31
N ALA B 294 17.27 28.05 -56.72
CA ALA B 294 17.08 28.27 -55.28
C ALA B 294 15.63 28.57 -54.99
N ASP B 295 15.17 28.06 -53.83
CA ASP B 295 13.79 28.30 -53.40
C ASP B 295 13.59 29.74 -52.97
N GLU B 296 14.65 30.41 -52.52
CA GLU B 296 14.54 31.77 -52.04
C GLU B 296 15.91 32.44 -52.13
N TYR B 297 15.89 33.74 -52.36
CA TYR B 297 17.10 34.54 -52.31
C TYR B 297 16.97 35.60 -51.21
N VAL B 298 17.99 35.69 -50.37
CA VAL B 298 18.04 36.74 -49.33
C VAL B 298 19.33 37.54 -49.54
N ALA B 299 19.21 38.86 -49.62
CA ALA B 299 20.39 39.69 -49.90
C ALA B 299 21.26 39.93 -48.67
N LYS B 300 22.54 40.20 -48.92
CA LYS B 300 23.49 40.52 -47.83
C LYS B 300 23.17 41.89 -47.21
N PRO B 301 23.81 42.25 -46.07
CA PRO B 301 23.28 43.16 -45.08
C PRO B 301 21.90 42.53 -44.90
N VAL B 302 21.99 41.36 -44.28
CA VAL B 302 20.92 40.35 -44.05
C VAL B 302 20.29 40.52 -42.67
N ASP B 303 19.00 40.81 -42.65
CA ASP B 303 18.32 40.87 -41.35
C ASP B 303 18.22 39.44 -40.83
N ALA B 304 18.95 39.10 -39.78
CA ALA B 304 18.96 37.71 -39.24
C ALA B 304 17.54 37.26 -38.95
N ASP B 305 16.78 38.09 -38.27
CA ASP B 305 15.41 37.71 -37.88
C ASP B 305 14.63 37.44 -39.17
N GLN B 306 14.71 38.33 -40.15
CA GLN B 306 13.95 38.12 -41.42
C GLN B 306 14.41 36.84 -42.16
N LEU B 307 15.64 36.39 -41.95
CA LEU B 307 16.00 35.11 -42.60
C LEU B 307 15.23 34.00 -41.88
N VAL B 308 15.39 33.89 -40.57
CA VAL B 308 14.71 32.86 -39.71
C VAL B 308 13.20 32.82 -39.95
N GLU B 309 12.53 33.93 -40.14
CA GLU B 309 11.08 33.78 -40.48
C GLU B 309 10.97 33.08 -41.83
N ARG B 310 11.81 33.47 -42.77
CA ARG B 310 11.72 32.88 -44.14
C ARG B 310 12.01 31.40 -44.07
N ALA B 311 12.95 31.03 -43.23
CA ALA B 311 13.34 29.63 -43.10
C ALA B 311 12.18 28.79 -42.57
N GLY B 312 11.50 29.29 -41.54
CA GLY B 312 10.35 28.57 -41.03
C GLY B 312 9.25 28.46 -42.06
N ALA B 313 9.05 29.52 -42.85
CA ALA B 313 8.00 29.49 -43.87
C ALA B 313 8.35 28.48 -44.95
N LEU B 314 9.61 28.44 -45.36
CA LEU B 314 10.05 27.48 -46.37
C LEU B 314 9.93 26.05 -45.85
N ILE B 315 10.37 25.80 -44.62
CA ILE B 315 10.32 24.46 -44.10
C ILE B 315 8.88 24.09 -43.78
N GLY B 316 8.07 25.09 -43.39
CA GLY B 316 6.66 24.84 -43.19
C GLY B 316 6.36 23.92 -42.03
N PHE B 317 5.17 23.31 -42.12
CA PHE B 317 4.65 22.39 -41.12
C PHE B 317 4.13 21.14 -41.84
N PRO B 318 5.02 20.24 -42.25
CA PRO B 318 4.58 19.09 -43.04
C PRO B 318 3.66 18.19 -42.26
N PRO B 319 2.74 17.50 -42.94
CA PRO B 319 1.72 16.74 -42.24
C PRO B 319 2.32 15.51 -41.60
N VAL B 320 1.70 15.09 -40.52
CA VAL B 320 2.16 13.93 -39.76
C VAL B 320 0.97 13.06 -39.43
N ARG B 321 1.23 11.77 -39.31
CA ARG B 321 0.18 10.84 -38.95
C ARG B 321 0.09 10.80 -37.44
N LEU B 322 -1.13 10.64 -36.95
CA LEU B 322 -1.30 10.45 -35.50
C LEU B 322 -0.48 9.28 -35.01
N GLN B 323 -0.34 8.24 -35.85
CA GLN B 323 0.46 7.08 -35.49
C GLN B 323 1.91 7.47 -35.23
N GLU B 324 2.47 8.37 -36.04
CA GLU B 324 3.85 8.80 -35.79
C GLU B 324 3.96 9.57 -34.48
N CYS B 325 2.91 10.30 -34.09
CA CYS B 325 2.92 10.95 -32.77
C CYS B 325 2.92 9.92 -31.66
N ILE B 326 2.16 8.84 -31.82
CA ILE B 326 2.12 7.85 -30.75
C ILE B 326 3.46 7.11 -30.66
N GLU B 327 4.06 6.83 -31.82
CA GLU B 327 5.37 6.21 -31.81
C GLU B 327 6.39 7.15 -31.18
N LEU B 328 6.27 8.44 -31.46
CA LEU B 328 7.20 9.37 -30.85
C LEU B 328 7.02 9.37 -29.34
N PHE B 329 5.78 9.36 -28.87
CA PHE B 329 5.50 9.35 -27.43
C PHE B 329 6.11 8.13 -26.78
N THR B 330 5.97 6.98 -27.41
CA THR B 330 6.48 5.71 -26.89
C THR B 330 7.89 5.40 -27.37
N THR B 331 8.66 6.40 -27.77
CA THR B 331 9.97 6.11 -28.31
C THR B 331 10.98 5.80 -27.21
N VAL B 332 12.01 5.04 -27.57
CA VAL B 332 13.13 4.85 -26.68
C VAL B 332 13.93 6.15 -26.63
N GLU B 333 14.08 6.71 -25.46
CA GLU B 333 14.75 7.99 -25.31
C GLU B 333 15.94 7.85 -24.37
N THR B 334 17.00 8.58 -24.66
CA THR B 334 18.17 8.63 -23.79
C THR B 334 18.17 9.96 -23.06
N LEU B 335 18.21 9.91 -21.73
CA LEU B 335 18.25 11.12 -20.93
C LEU B 335 19.50 11.90 -21.29
N GLU B 336 19.36 13.24 -21.32
CA GLU B 336 20.46 14.14 -21.60
C GLU B 336 21.27 14.46 -20.33
N LYS B 337 22.45 15.08 -20.54
CA LYS B 337 23.39 15.24 -19.44
C LYS B 337 22.84 16.10 -18.31
N GLU B 338 21.85 16.94 -18.60
CA GLU B 338 21.24 17.76 -17.56
C GLU B 338 20.21 17.01 -16.72
N ASN B 339 19.85 15.78 -17.10
CA ASN B 339 18.75 15.06 -16.46
C ASN B 339 19.10 13.61 -16.12
N PRO B 340 20.23 13.37 -15.48
CA PRO B 340 20.59 11.97 -15.19
C PRO B 340 19.70 11.35 -14.14
N TRP B 341 19.49 10.05 -14.29
CA TRP B 341 18.74 9.21 -13.35
C TRP B 341 19.73 8.59 -12.37
N TYR B 342 19.38 8.60 -11.07
CA TYR B 342 20.26 8.05 -10.04
C TYR B 342 20.01 6.54 -9.94
N CYS B 343 20.94 5.74 -10.42
CA CYS B 343 20.75 4.29 -10.40
C CYS B 343 21.03 3.76 -9.01
N PRO B 344 20.07 3.07 -8.39
CA PRO B 344 20.28 2.54 -7.05
C PRO B 344 21.14 1.32 -7.02
N SER B 345 21.28 0.61 -8.12
CA SER B 345 22.15 -0.56 -8.11
C SER B 345 23.60 -0.14 -8.03
N CYS B 346 24.02 0.81 -8.87
CA CYS B 346 25.39 1.31 -8.89
C CYS B 346 25.55 2.61 -8.13
N LYS B 347 24.47 3.09 -7.51
CA LYS B 347 24.50 4.27 -6.65
C LYS B 347 25.17 5.44 -7.34
N GLN B 348 24.73 5.74 -8.56
CA GLN B 348 25.27 6.95 -9.18
C GLN B 348 24.45 7.39 -10.38
N HIS B 349 24.64 8.65 -10.75
CA HIS B 349 23.84 9.26 -11.79
C HIS B 349 24.28 8.74 -13.15
N GLN B 350 23.30 8.44 -14.01
CA GLN B 350 23.54 7.81 -15.29
C GLN B 350 22.67 8.46 -16.34
N LEU B 351 23.17 8.47 -17.58
CA LEU B 351 22.32 8.88 -18.70
C LEU B 351 21.50 7.66 -19.13
N ALA B 352 20.46 7.41 -18.33
CA ALA B 352 19.65 6.22 -18.50
C ALA B 352 18.79 6.34 -19.75
N THR B 353 18.36 5.19 -20.23
CA THR B 353 17.39 5.12 -21.31
C THR B 353 16.01 4.98 -20.68
N LYS B 354 15.03 5.69 -21.26
CA LYS B 354 13.65 5.68 -20.79
C LYS B 354 12.70 5.39 -21.93
N LYS B 355 11.74 4.49 -21.70
CA LYS B 355 10.71 4.25 -22.69
C LYS B 355 9.37 4.19 -22.00
N LEU B 356 8.39 4.92 -22.53
CA LEU B 356 7.00 4.77 -22.13
C LEU B 356 6.28 3.75 -23.03
N ASP B 357 5.45 2.92 -22.42
CA ASP B 357 4.66 1.97 -23.17
C ASP B 357 3.19 2.10 -22.76
N LEU B 358 2.31 1.66 -23.65
CA LEU B 358 0.90 1.58 -23.36
C LEU B 358 0.59 0.22 -22.75
N TRP B 359 0.37 0.16 -21.44
CA TRP B 359 0.12 -1.13 -20.83
C TRP B 359 -1.34 -1.51 -20.95
N MET B 360 -2.23 -0.65 -20.53
CA MET B 360 -3.66 -0.90 -20.59
C MET B 360 -4.32 0.32 -21.20
N LEU B 361 -5.26 0.10 -22.14
CA LEU B 361 -5.89 1.21 -22.81
C LEU B 361 -7.40 1.26 -22.53
N PRO B 362 -7.96 2.44 -22.32
CA PRO B 362 -9.31 2.55 -21.78
C PRO B 362 -10.40 2.36 -22.81
N GLU B 363 -11.63 2.19 -22.30
CA GLU B 363 -12.80 2.16 -23.18
C GLU B 363 -12.90 3.42 -24.02
N ILE B 364 -12.68 4.58 -23.43
CA ILE B 364 -12.68 5.82 -24.17
C ILE B 364 -11.32 6.48 -24.01
N LEU B 365 -10.62 6.65 -25.13
CA LEU B 365 -9.25 7.13 -25.15
C LEU B 365 -9.27 8.56 -25.62
N ILE B 366 -8.73 9.44 -24.80
CA ILE B 366 -8.66 10.86 -25.09
C ILE B 366 -7.24 11.20 -25.50
N ILE B 367 -7.06 11.73 -26.70
CA ILE B 367 -5.76 12.06 -27.25
C ILE B 367 -5.66 13.58 -27.32
N HIS B 368 -4.63 14.10 -26.70
CA HIS B 368 -4.33 15.51 -26.61
C HIS B 368 -3.06 15.74 -27.43
N LEU B 369 -3.16 16.57 -28.47
CA LEU B 369 -2.03 16.89 -29.30
C LEU B 369 -1.30 18.12 -28.74
N LYS B 370 0.00 18.00 -28.52
CA LYS B 370 0.78 19.10 -27.95
C LYS B 370 1.17 20.04 -29.06
N ARG B 371 0.17 20.84 -29.47
CA ARG B 371 0.31 21.78 -30.58
C ARG B 371 0.94 23.08 -30.08
N PHE B 372 2.05 22.99 -29.36
CA PHE B 372 2.69 24.21 -28.90
C PHE B 372 4.19 24.04 -28.87
N SER B 373 4.88 25.18 -28.93
CA SER B 373 6.32 25.22 -28.73
C SER B 373 6.62 26.44 -27.86
N TYR B 374 7.71 26.34 -27.10
CA TYR B 374 8.18 27.42 -26.26
C TYR B 374 9.68 27.53 -26.53
N THR B 375 10.11 28.68 -27.00
CA THR B 375 11.54 28.95 -27.13
C THR B 375 11.86 30.21 -26.37
N LYS B 376 13.15 30.53 -26.31
CA LYS B 376 13.57 31.76 -25.64
C LYS B 376 12.89 32.95 -26.25
N PHE B 377 12.83 32.95 -27.57
CA PHE B 377 12.28 34.09 -28.33
C PHE B 377 10.77 34.12 -28.37
N SER B 378 10.11 32.99 -28.60
CA SER B 378 8.67 33.01 -28.79
C SER B 378 8.01 31.71 -28.39
N ARG B 379 6.73 31.83 -28.08
CA ARG B 379 5.83 30.69 -27.85
C ARG B 379 4.80 30.68 -28.98
N GLU B 380 4.57 29.52 -29.55
CA GLU B 380 3.76 29.46 -30.75
C GLU B 380 2.86 28.23 -30.69
N LYS B 381 1.72 28.32 -31.35
CA LYS B 381 0.91 27.14 -31.60
C LYS B 381 1.44 26.42 -32.81
N LEU B 382 1.58 25.11 -32.72
CA LEU B 382 1.96 24.29 -33.87
C LEU B 382 0.71 24.06 -34.70
N ASP B 383 0.75 24.45 -35.96
CA ASP B 383 -0.43 24.41 -36.82
C ASP B 383 -0.43 23.19 -37.72
N THR B 384 0.43 22.23 -37.43
CA THR B 384 0.57 21.08 -38.30
C THR B 384 -0.70 20.26 -38.39
N LEU B 385 -0.97 19.78 -39.61
CA LEU B 385 -2.00 18.78 -39.81
C LEU B 385 -1.52 17.46 -39.22
N VAL B 386 -2.31 16.94 -38.29
CA VAL B 386 -2.16 15.59 -37.79
C VAL B 386 -3.32 14.81 -38.39
N GLU B 387 -3.00 13.89 -39.28
CA GLU B 387 -3.97 13.00 -39.88
C GLU B 387 -4.37 11.93 -38.87
N PHE B 388 -5.66 11.71 -38.73
CA PHE B 388 -6.14 10.67 -37.82
C PHE B 388 -7.24 9.86 -38.49
N PRO B 389 -7.37 8.58 -38.16
CA PRO B 389 -8.40 7.76 -38.79
C PRO B 389 -9.75 7.96 -38.11
N ILE B 390 -10.78 7.95 -38.95
CA ILE B 390 -12.14 7.94 -38.44
C ILE B 390 -12.44 6.59 -37.83
N ARG B 391 -11.99 5.50 -38.48
CA ARG B 391 -12.18 4.16 -37.95
C ARG B 391 -10.88 3.38 -37.93
N ASP B 392 -10.85 2.37 -37.03
CA ASP B 392 -9.85 1.30 -37.10
C ASP B 392 -8.47 1.81 -36.75
N LEU B 393 -8.40 2.75 -35.81
CA LEU B 393 -7.13 3.08 -35.18
C LEU B 393 -6.68 1.88 -34.37
N ASP B 394 -5.56 1.29 -34.79
CA ASP B 394 -5.08 0.00 -34.30
C ASP B 394 -3.89 0.20 -33.39
N PHE B 395 -4.02 -0.25 -32.14
CA PHE B 395 -2.98 -0.21 -31.14
C PHE B 395 -2.32 -1.56 -30.94
N SER B 396 -2.54 -2.48 -31.86
CA SER B 396 -2.03 -3.83 -31.69
C SER B 396 -0.52 -3.80 -31.47
N GLU B 397 0.20 -2.93 -32.19
N GLU B 397 0.21 -2.94 -32.22
CA GLU B 397 1.64 -2.86 -32.14
CA GLU B 397 1.66 -2.87 -32.14
C GLU B 397 2.17 -2.04 -30.97
C GLU B 397 2.19 -2.02 -30.99
N PHE B 398 1.32 -1.41 -30.19
CA PHE B 398 1.76 -0.67 -29.02
C PHE B 398 1.48 -1.35 -27.70
N VAL B 399 0.44 -2.16 -27.59
CA VAL B 399 -0.01 -2.59 -26.27
C VAL B 399 0.86 -3.75 -25.82
N ILE B 400 1.48 -3.58 -24.64
CA ILE B 400 2.50 -4.48 -24.12
C ILE B 400 1.90 -5.66 -23.36
N GLN B 401 0.77 -5.42 -22.68
CA GLN B 401 0.11 -6.45 -21.83
C GLN B 401 -0.30 -7.67 -22.65
N PRO B 402 -0.37 -8.86 -22.03
CA PRO B 402 -0.60 -10.10 -22.76
C PRO B 402 -1.89 -10.06 -23.56
N GLN B 403 -1.73 -9.90 -24.88
CA GLN B 403 -2.84 -9.86 -25.86
C GLN B 403 -3.35 -11.28 -26.01
N ASN B 404 -2.51 -12.13 -26.62
CA ASN B 404 -2.65 -13.60 -26.86
C ASN B 404 -4.08 -14.05 -27.18
N GLU B 405 -4.81 -13.32 -28.00
CA GLU B 405 -6.20 -13.75 -28.21
C GLU B 405 -6.64 -13.41 -29.62
N SER B 406 -7.88 -13.80 -29.86
CA SER B 406 -8.65 -13.70 -31.11
C SER B 406 -9.46 -12.41 -31.10
N ASN B 407 -9.21 -11.49 -30.17
CA ASN B 407 -10.06 -10.28 -30.09
C ASN B 407 -9.29 -9.02 -30.46
N PRO B 408 -9.15 -8.66 -31.75
CA PRO B 408 -8.43 -7.48 -32.14
C PRO B 408 -9.22 -6.19 -31.91
N GLU B 409 -10.53 -6.30 -31.66
CA GLU B 409 -11.41 -5.16 -31.35
C GLU B 409 -11.05 -4.57 -29.99
N LEU B 410 -10.37 -5.32 -29.13
CA LEU B 410 -9.91 -4.77 -27.85
C LEU B 410 -8.79 -3.77 -28.03
N TYR B 411 -8.12 -3.77 -29.17
CA TYR B 411 -7.00 -2.88 -29.42
C TYR B 411 -7.28 -1.90 -30.56
N LYS B 412 -8.51 -1.81 -31.04
CA LYS B 412 -8.89 -0.92 -32.13
C LYS B 412 -9.94 0.08 -31.61
N TYR B 413 -9.88 1.30 -32.14
CA TYR B 413 -10.77 2.38 -31.71
C TYR B 413 -11.40 3.04 -32.91
N ASP B 414 -12.60 3.60 -32.69
CA ASP B 414 -13.28 4.46 -33.67
C ASP B 414 -13.52 5.84 -33.08
N LEU B 415 -13.36 6.83 -33.92
CA LEU B 415 -13.48 8.21 -33.50
C LEU B 415 -14.93 8.52 -33.17
N ILE B 416 -15.13 9.23 -32.07
CA ILE B 416 -16.46 9.69 -31.75
C ILE B 416 -16.52 11.19 -31.56
N ALA B 417 -15.39 11.86 -31.28
CA ALA B 417 -15.49 13.32 -31.09
C ALA B 417 -14.16 13.99 -31.32
N VAL B 418 -14.22 15.28 -31.67
CA VAL B 418 -13.04 16.10 -31.86
C VAL B 418 -13.34 17.51 -31.39
N SER B 419 -12.47 18.04 -30.54
CA SER B 419 -12.44 19.46 -30.20
C SER B 419 -11.41 20.17 -31.08
N ASN B 420 -11.89 21.22 -31.78
CA ASN B 420 -11.14 21.99 -32.75
C ASN B 420 -10.82 23.36 -32.16
N HIS B 421 -9.58 23.80 -32.36
CA HIS B 421 -9.13 25.13 -31.95
C HIS B 421 -8.69 25.92 -33.16
N TYR B 422 -9.13 27.19 -33.24
CA TYR B 422 -8.73 28.11 -34.29
C TYR B 422 -8.17 29.36 -33.62
N GLY B 423 -7.12 29.93 -34.20
CA GLY B 423 -6.52 31.12 -33.67
C GLY B 423 -5.18 30.87 -33.01
N GLY B 424 -4.83 31.78 -32.11
CA GLY B 424 -3.55 31.73 -31.42
C GLY B 424 -3.66 31.13 -30.04
N MET B 425 -2.55 31.17 -29.31
CA MET B 425 -2.51 30.55 -28.00
C MET B 425 -3.40 31.31 -27.03
N ARG B 426 -3.42 32.64 -27.11
CA ARG B 426 -4.14 33.48 -26.17
C ARG B 426 -5.45 34.06 -26.73
N ASP B 427 -5.74 33.84 -28.00
CA ASP B 427 -6.93 34.36 -28.66
C ASP B 427 -7.39 33.33 -29.68
N GLY B 428 -8.62 32.88 -29.57
CA GLY B 428 -9.09 31.85 -30.47
C GLY B 428 -10.55 31.49 -30.27
N HIS B 429 -10.91 30.34 -30.80
CA HIS B 429 -12.29 29.87 -30.83
C HIS B 429 -12.30 28.36 -30.96
N TYR B 430 -13.29 27.74 -30.33
CA TYR B 430 -13.37 26.29 -30.25
C TYR B 430 -14.68 25.82 -30.85
N THR B 431 -14.62 24.70 -31.57
CA THR B 431 -15.80 24.03 -32.12
C THR B 431 -15.65 22.52 -31.92
N THR B 432 -16.68 21.75 -32.32
CA THR B 432 -16.64 20.31 -32.11
C THR B 432 -17.27 19.49 -33.24
N PHE B 433 -16.54 18.45 -33.66
CA PHE B 433 -17.12 17.35 -34.43
C PHE B 433 -17.58 16.25 -33.47
N ALA B 434 -18.78 15.72 -33.67
CA ALA B 434 -19.20 14.63 -32.81
C ALA B 434 -20.11 13.70 -33.56
N CYS B 435 -20.03 12.41 -33.23
CA CYS B 435 -20.81 11.38 -33.90
C CYS B 435 -22.01 11.04 -33.03
N ASN B 436 -23.21 11.14 -33.59
CA ASN B 436 -24.40 10.87 -32.80
C ASN B 436 -24.57 9.35 -32.63
N LYS B 437 -24.69 8.90 -31.39
CA LYS B 437 -24.72 7.47 -31.11
C LYS B 437 -25.99 6.79 -31.62
N ASP B 438 -27.08 7.54 -31.80
CA ASP B 438 -28.32 6.92 -32.22
C ASP B 438 -28.43 6.78 -33.74
N SER B 439 -27.79 7.66 -34.49
CA SER B 439 -27.90 7.67 -35.94
C SER B 439 -26.58 7.40 -36.65
N GLY B 440 -25.45 7.64 -36.01
CA GLY B 440 -24.16 7.51 -36.66
C GLY B 440 -23.77 8.70 -37.49
N GLN B 441 -24.61 9.72 -37.58
CA GLN B 441 -24.30 10.92 -38.33
C GLN B 441 -23.39 11.83 -37.52
N TRP B 442 -22.40 12.40 -38.18
CA TRP B 442 -21.52 13.37 -37.58
C TRP B 442 -22.13 14.77 -37.68
N HIS B 443 -21.90 15.59 -36.66
CA HIS B 443 -22.32 16.97 -36.72
C HIS B 443 -21.20 17.89 -36.26
N TYR B 444 -21.27 19.12 -36.75
CA TYR B 444 -20.37 20.21 -36.41
C TYR B 444 -21.13 21.16 -35.48
N PHE B 445 -20.58 21.30 -34.28
CA PHE B 445 -21.20 22.14 -33.24
C PHE B 445 -20.37 23.40 -33.03
N ASP B 446 -20.88 24.55 -33.46
CA ASP B 446 -20.23 25.84 -33.20
C ASP B 446 -21.16 26.60 -32.27
N ASP B 447 -20.94 26.46 -30.98
CA ASP B 447 -21.82 27.09 -29.98
C ASP B 447 -23.27 26.66 -30.27
N ASN B 448 -24.15 27.59 -30.64
CA ASN B 448 -25.58 27.28 -30.85
C ASN B 448 -25.81 26.73 -32.27
N SER B 449 -24.88 26.97 -33.18
CA SER B 449 -25.05 26.58 -34.57
C SER B 449 -24.60 25.12 -34.73
N VAL B 450 -25.51 24.24 -35.16
CA VAL B 450 -25.23 22.83 -35.32
C VAL B 450 -25.59 22.41 -36.74
N SER B 451 -24.63 21.81 -37.46
CA SER B 451 -24.93 21.39 -38.83
C SER B 451 -24.36 20.02 -39.16
N PRO B 452 -25.06 19.21 -39.94
CA PRO B 452 -24.58 17.86 -40.24
C PRO B 452 -23.40 17.91 -41.19
N VAL B 453 -22.47 16.97 -41.00
CA VAL B 453 -21.28 16.85 -41.83
C VAL B 453 -21.02 15.38 -42.13
N ASN B 454 -20.20 15.14 -43.15
N ASN B 454 -20.22 15.13 -43.16
CA ASN B 454 -19.79 13.79 -43.53
CA ASN B 454 -19.82 13.76 -43.49
C ASN B 454 -18.46 13.43 -42.88
C ASN B 454 -18.47 13.43 -42.88
N GLU B 455 -18.15 12.14 -42.88
CA GLU B 455 -16.89 11.71 -42.27
C GLU B 455 -15.69 12.37 -42.95
N ASN B 456 -15.76 12.63 -44.24
CA ASN B 456 -14.59 13.21 -44.90
C ASN B 456 -14.39 14.69 -44.56
N GLN B 457 -15.20 15.26 -43.66
CA GLN B 457 -15.00 16.63 -43.21
C GLN B 457 -14.31 16.75 -41.87
N ILE B 458 -14.20 15.65 -41.14
CA ILE B 458 -13.84 15.73 -39.71
C ILE B 458 -12.40 16.17 -39.51
N GLU B 459 -11.47 15.56 -40.26
CA GLU B 459 -10.03 15.81 -40.13
C GLU B 459 -9.62 17.18 -40.64
N SER B 460 -8.91 17.91 -39.80
CA SER B 460 -8.41 19.22 -40.19
C SER B 460 -7.30 19.61 -39.25
N LYS B 461 -6.55 20.61 -39.65
CA LYS B 461 -5.43 21.04 -38.80
C LYS B 461 -5.90 21.62 -37.48
N ALA B 462 -7.16 22.00 -37.37
CA ALA B 462 -7.67 22.55 -36.13
C ALA B 462 -7.91 21.50 -35.05
N ALA B 463 -7.87 20.23 -35.43
CA ALA B 463 -8.09 19.15 -34.46
C ALA B 463 -7.05 19.21 -33.32
N TYR B 464 -7.54 19.26 -32.10
CA TYR B 464 -6.71 19.41 -30.92
C TYR B 464 -6.95 18.34 -29.86
N VAL B 465 -8.19 17.92 -29.65
CA VAL B 465 -8.49 16.81 -28.73
C VAL B 465 -9.31 15.78 -29.49
N LEU B 466 -8.90 14.52 -29.44
CA LEU B 466 -9.55 13.42 -30.14
C LEU B 466 -10.12 12.44 -29.12
N PHE B 467 -11.37 12.04 -29.31
CA PHE B 467 -12.03 11.04 -28.49
C PHE B 467 -12.28 9.79 -29.35
N TYR B 468 -11.67 8.67 -28.92
CA TYR B 468 -11.77 7.40 -29.58
C TYR B 468 -12.46 6.40 -28.66
N GLN B 469 -13.33 5.58 -29.25
CA GLN B 469 -14.11 4.58 -28.55
C GLN B 469 -13.60 3.20 -28.96
N ARG B 470 -13.28 2.38 -27.96
CA ARG B 470 -12.76 1.03 -28.22
C ARG B 470 -13.83 0.19 -28.91
N GLN B 471 -13.41 -0.56 -29.93
CA GLN B 471 -14.40 -1.15 -30.82
C GLN B 471 -15.26 -2.21 -30.15
N ASP B 472 -14.80 -2.81 -29.05
CA ASP B 472 -15.70 -3.74 -28.35
C ASP B 472 -16.80 -3.00 -27.59
N VAL B 473 -16.54 -1.76 -27.17
CA VAL B 473 -17.53 -1.00 -26.39
C VAL B 473 -18.75 -0.73 -27.24
N ALA B 474 -18.54 -0.31 -28.49
CA ALA B 474 -19.66 0.02 -29.36
C ALA B 474 -20.60 -1.15 -29.52
N ARG B 475 -20.04 -2.33 -29.76
CA ARG B 475 -20.85 -3.55 -29.92
C ARG B 475 -21.54 -3.90 -28.60
N ARG B 476 -20.87 -3.75 -27.47
CA ARG B 476 -21.50 -4.06 -26.19
C ARG B 476 -22.69 -3.14 -25.95
N LEU B 477 -22.67 -1.93 -26.52
CA LEU B 477 -23.75 -0.97 -26.31
C LEU B 477 -25.10 -1.47 -26.83
N LEU B 478 -25.09 -2.41 -27.79
CA LEU B 478 -26.34 -2.83 -28.43
C LEU B 478 -27.35 -3.37 -27.42
N GLU B 479 -26.92 -4.29 -26.56
CA GLU B 479 -27.79 -4.91 -25.55
C GLU B 479 -27.10 -4.80 -24.18
N HIS B 480 -27.36 -3.69 -23.49
CA HIS B 480 -26.70 -3.34 -22.24
C HIS B 480 -27.73 -2.91 -21.20
N HIS B 481 -28.21 -3.87 -20.40
CA HIS B 481 -29.01 -3.61 -19.21
C HIS B 481 -28.50 -4.53 -18.11
N HIS B 482 -29.18 -4.51 -16.95
CA HIS B 482 -28.86 -5.38 -15.80
C HIS B 482 -30.17 -5.86 -15.16
N MET C 1 7.38 -19.35 1.23
CA MET C 1 7.88 -18.36 2.21
C MET C 1 8.06 -19.04 3.55
N GLN C 2 8.63 -18.31 4.49
CA GLN C 2 8.80 -18.79 5.86
C GLN C 2 7.92 -18.00 6.80
N ILE C 3 7.29 -18.70 7.75
CA ILE C 3 6.61 -18.06 8.85
C ILE C 3 7.07 -18.71 10.14
N PHE C 4 6.69 -18.11 11.26
CA PHE C 4 7.12 -18.59 12.57
C PHE C 4 5.93 -18.90 13.46
N VAL C 5 6.11 -19.85 14.37
CA VAL C 5 5.11 -20.16 15.39
C VAL C 5 5.77 -20.10 16.76
N LYS C 6 5.29 -19.21 17.63
CA LYS C 6 5.75 -19.16 19.00
C LYS C 6 4.95 -20.17 19.83
N THR C 7 5.67 -21.16 20.39
CA THR C 7 5.00 -22.33 20.96
C THR C 7 4.75 -22.16 22.47
N LEU C 8 4.35 -23.25 23.14
CA LEU C 8 3.85 -23.17 24.50
C LEU C 8 4.91 -22.68 25.46
N THR C 9 6.17 -23.08 25.25
CA THR C 9 7.25 -22.63 26.13
C THR C 9 7.83 -21.27 25.72
N GLY C 10 7.44 -20.70 24.62
CA GLY C 10 8.05 -19.52 24.06
C GLY C 10 8.96 -19.80 22.90
N LYS C 11 9.38 -21.04 22.74
CA LYS C 11 10.28 -21.43 21.67
C LYS C 11 9.60 -21.23 20.33
N THR C 12 10.24 -20.46 19.45
CA THR C 12 9.72 -20.22 18.12
C THR C 12 10.24 -21.28 17.15
N ILE C 13 9.34 -21.82 16.35
CA ILE C 13 9.72 -22.74 15.29
C ILE C 13 9.45 -22.10 13.95
N THR C 14 10.07 -22.66 12.92
CA THR C 14 9.99 -22.12 11.56
C THR C 14 9.23 -23.08 10.65
N LEU C 15 8.37 -22.50 9.82
CA LEU C 15 7.53 -23.25 8.89
C LEU C 15 7.77 -22.75 7.47
N GLU C 16 7.81 -23.69 6.55
CA GLU C 16 7.89 -23.44 5.12
C GLU C 16 6.49 -23.60 4.55
N VAL C 17 5.94 -22.51 4.04
CA VAL C 17 4.55 -22.45 3.63
C VAL C 17 4.41 -21.64 2.36
N GLU C 18 3.22 -21.72 1.76
CA GLU C 18 2.81 -20.84 0.68
C GLU C 18 1.61 -20.03 1.15
N PRO C 19 1.39 -18.85 0.57
CA PRO C 19 0.27 -18.01 1.02
C PRO C 19 -1.09 -18.68 0.90
N SER C 20 -1.23 -19.62 0.00
CA SER C 20 -2.47 -20.35 -0.22
C SER C 20 -2.57 -21.62 0.61
N ASP C 21 -1.59 -21.89 1.47
CA ASP C 21 -1.68 -23.06 2.32
C ASP C 21 -2.86 -22.93 3.25
N THR C 22 -3.57 -24.04 3.43
CA THR C 22 -4.67 -24.08 4.36
C THR C 22 -4.15 -24.21 5.79
N ILE C 23 -5.02 -23.86 6.72
CA ILE C 23 -4.70 -23.96 8.13
C ILE C 23 -4.49 -25.41 8.51
N GLU C 24 -5.22 -26.33 7.86
N GLU C 24 -5.21 -26.33 7.86
CA GLU C 24 -4.98 -27.75 8.11
CA GLU C 24 -4.98 -27.75 8.11
C GLU C 24 -3.55 -28.13 7.76
C GLU C 24 -3.55 -28.12 7.77
N ASN C 25 -3.05 -27.62 6.64
CA ASN C 25 -1.68 -27.90 6.24
C ASN C 25 -0.70 -27.30 7.25
N VAL C 26 -0.95 -26.07 7.67
CA VAL C 26 -0.06 -25.41 8.61
C VAL C 26 0.01 -26.19 9.90
N LYS C 27 -1.15 -26.62 10.39
CA LYS C 27 -1.21 -27.41 11.62
C LYS C 27 -0.45 -28.71 11.45
N ALA C 28 -0.54 -29.32 10.28
CA ALA C 28 0.21 -30.56 10.06
C ALA C 28 1.69 -30.30 10.19
N LYS C 29 2.16 -29.19 9.64
CA LYS C 29 3.59 -28.90 9.75
C LYS C 29 3.99 -28.62 11.19
N ILE C 30 3.14 -27.89 11.91
CA ILE C 30 3.39 -27.69 13.33
C ILE C 30 3.49 -29.03 14.04
N GLN C 31 2.57 -29.96 13.73
CA GLN C 31 2.64 -31.26 14.38
C GLN C 31 3.93 -31.98 14.01
N ASP C 32 4.37 -31.82 12.77
CA ASP C 32 5.61 -32.47 12.35
C ASP C 32 6.75 -32.07 13.28
N LYS C 33 6.79 -30.81 13.69
CA LYS C 33 7.92 -30.38 14.52
C LYS C 33 7.65 -30.54 16.03
N GLU C 34 6.44 -30.24 16.52
CA GLU C 34 6.15 -30.20 17.95
C GLU C 34 5.30 -31.37 18.46
N GLY C 35 4.68 -32.14 17.58
CA GLY C 35 3.96 -33.33 17.97
C GLY C 35 2.60 -33.11 18.57
N ILE C 36 2.12 -31.88 18.59
CA ILE C 36 0.79 -31.60 19.12
C ILE C 36 -0.25 -31.95 18.07
N PRO C 37 -1.26 -32.74 18.40
CA PRO C 37 -2.29 -33.05 17.42
C PRO C 37 -2.95 -31.79 16.93
N PRO C 38 -3.31 -31.75 15.65
CA PRO C 38 -3.93 -30.54 15.10
C PRO C 38 -5.19 -30.09 15.79
N ASP C 39 -6.01 -31.02 16.30
CA ASP C 39 -7.27 -30.66 16.94
C ASP C 39 -7.05 -29.94 18.27
N GLN C 40 -5.94 -30.22 18.94
CA GLN C 40 -5.58 -29.53 20.17
C GLN C 40 -4.91 -28.19 19.90
N GLN C 41 -4.43 -27.96 18.70
CA GLN C 41 -3.73 -26.71 18.44
C GLN C 41 -4.75 -25.60 18.28
N ARG C 42 -4.52 -24.47 18.94
CA ARG C 42 -5.18 -23.22 18.62
C ARG C 42 -4.08 -22.26 18.17
N LEU C 43 -4.25 -21.69 16.99
CA LEU C 43 -3.33 -20.72 16.41
C LEU C 43 -3.99 -19.37 16.35
N ILE C 44 -3.26 -18.36 16.83
CA ILE C 44 -3.76 -16.99 16.90
C ILE C 44 -2.84 -16.09 16.07
N PHE C 45 -3.46 -15.23 15.25
CA PHE C 45 -2.76 -14.16 14.58
C PHE C 45 -3.69 -12.97 14.50
N ALA C 46 -3.22 -11.82 14.98
CA ALA C 46 -3.94 -10.58 14.90
C ALA C 46 -5.35 -10.69 15.48
N GLY C 47 -5.46 -11.30 16.65
CA GLY C 47 -6.81 -11.33 17.18
C GLY C 47 -7.81 -12.15 16.35
N LYS C 48 -7.32 -13.08 15.53
CA LYS C 48 -8.10 -14.13 14.88
C LYS C 48 -7.54 -15.48 15.35
N GLN C 49 -8.43 -16.40 15.69
CA GLN C 49 -8.03 -17.79 15.81
C GLN C 49 -8.17 -18.42 14.43
N LEU C 50 -7.14 -19.16 14.00
CA LEU C 50 -7.09 -19.62 12.64
C LEU C 50 -7.92 -20.87 12.49
N GLU C 51 -8.76 -20.93 11.46
CA GLU C 51 -9.73 -21.99 11.27
C GLU C 51 -9.42 -22.82 10.03
N ASP C 52 -9.50 -24.12 10.20
CA ASP C 52 -9.32 -25.04 9.07
C ASP C 52 -10.29 -24.66 7.95
N GLY C 53 -9.79 -24.74 6.72
CA GLY C 53 -10.55 -24.39 5.54
C GLY C 53 -10.10 -23.10 4.91
N ARG C 54 -9.60 -22.16 5.69
CA ARG C 54 -9.13 -20.89 5.15
C ARG C 54 -7.63 -20.94 4.98
N THR C 55 -7.11 -19.93 4.30
CA THR C 55 -5.69 -19.91 3.94
C THR C 55 -4.95 -18.83 4.73
N LEU C 56 -3.63 -18.89 4.65
CA LEU C 56 -2.80 -17.92 5.31
C LEU C 56 -3.09 -16.51 4.79
N SER C 57 -3.30 -16.38 3.49
CA SER C 57 -3.60 -15.07 2.94
C SER C 57 -4.96 -14.58 3.45
N ASP C 58 -5.88 -15.49 3.73
CA ASP C 58 -7.17 -15.06 4.27
C ASP C 58 -6.99 -14.29 5.56
N TYR C 59 -6.02 -14.68 6.38
CA TYR C 59 -5.83 -14.01 7.67
C TYR C 59 -4.75 -12.95 7.61
N ASN C 60 -4.29 -12.59 6.42
CA ASN C 60 -3.27 -11.58 6.25
C ASN C 60 -1.97 -11.99 6.92
N ILE C 61 -1.64 -13.28 6.83
CA ILE C 61 -0.40 -13.81 7.37
C ILE C 61 0.62 -13.76 6.24
N GLN C 62 1.52 -12.80 6.31
CA GLN C 62 2.55 -12.59 5.32
C GLN C 62 3.88 -13.13 5.83
N LYS C 63 4.91 -13.03 4.97
CA LYS C 63 6.19 -13.68 5.26
C LYS C 63 6.79 -13.16 6.55
N GLU C 64 7.37 -14.07 7.32
CA GLU C 64 8.09 -13.81 8.56
C GLU C 64 7.17 -13.39 9.66
N SER C 65 5.86 -13.39 9.45
CA SER C 65 4.89 -13.22 10.52
C SER C 65 5.05 -14.35 11.52
N THR C 66 4.63 -14.06 12.75
CA THR C 66 4.67 -15.03 13.82
C THR C 66 3.24 -15.35 14.29
N LEU C 67 2.84 -16.61 14.16
CA LEU C 67 1.65 -17.15 14.81
C LEU C 67 1.90 -17.51 16.28
N HIS C 68 0.83 -17.56 17.06
CA HIS C 68 0.95 -17.87 18.48
C HIS C 68 0.14 -19.09 18.84
N LEU C 69 0.80 -20.10 19.40
CA LEU C 69 0.17 -21.40 19.61
C LEU C 69 -0.22 -21.54 21.06
N VAL C 70 -1.47 -21.91 21.29
CA VAL C 70 -2.01 -22.19 22.63
C VAL C 70 -2.87 -23.46 22.60
N LEU C 71 -3.06 -24.02 23.78
CA LEU C 71 -3.93 -25.15 24.02
C LEU C 71 -5.22 -24.66 24.63
N ARG C 72 -6.01 -25.57 25.22
CA ARG C 72 -7.26 -25.24 25.87
C ARG C 72 -7.27 -25.58 27.36
N LEU C 73 -7.77 -24.67 28.17
CA LEU C 73 -8.18 -25.00 29.54
C LEU C 73 -9.70 -24.99 29.51
N ARG C 74 -10.30 -26.19 29.36
CA ARG C 74 -11.75 -26.27 29.29
C ARG C 74 -12.35 -26.18 30.68
N GLY C 75 -13.45 -25.50 30.78
CA GLY C 75 -14.17 -25.44 32.07
C GLY C 75 -15.64 -25.21 31.80
N GLY C 76 -16.53 -25.84 32.57
CA GLY C 76 -17.94 -25.52 32.45
C GLY C 76 -18.65 -25.30 33.75
N GLY C 77 -18.07 -25.85 34.83
CA GLY C 77 -18.67 -25.85 36.15
C GLY C 77 -19.88 -26.73 36.35
N GLY C 78 -20.26 -27.54 35.36
CA GLY C 78 -21.50 -28.27 35.41
C GLY C 78 -22.68 -27.34 35.31
N GLY C 79 -23.36 -27.09 36.44
CA GLY C 79 -24.36 -26.04 36.50
C GLY C 79 -25.38 -26.20 35.41
N MET D 1 13.86 11.97 -3.69
CA MET D 1 13.50 11.06 -4.80
C MET D 1 13.53 11.74 -6.17
N GLN D 2 13.42 10.95 -7.23
CA GLN D 2 13.38 11.48 -8.58
C GLN D 2 12.05 11.22 -9.24
N ILE D 3 11.57 12.22 -9.98
CA ILE D 3 10.42 12.05 -10.87
C ILE D 3 10.80 12.62 -12.22
N PHE D 4 9.93 12.41 -13.20
CA PHE D 4 10.19 12.82 -14.56
C PHE D 4 9.06 13.70 -15.08
N VAL D 5 9.41 14.57 -16.01
CA VAL D 5 8.44 15.40 -16.69
C VAL D 5 8.66 15.31 -18.20
N LYS D 6 7.63 14.84 -18.92
CA LYS D 6 7.65 14.79 -20.37
C LYS D 6 7.18 16.12 -20.96
N THR D 7 8.08 16.78 -21.67
CA THR D 7 7.89 18.17 -22.00
C THR D 7 7.23 18.30 -23.37
N LEU D 8 7.20 19.51 -23.92
CA LEU D 8 6.38 19.79 -25.09
C LEU D 8 6.83 18.99 -26.30
N THR D 9 8.10 18.77 -26.46
CA THR D 9 8.61 18.07 -27.63
C THR D 9 8.62 16.55 -27.46
N GLY D 10 8.29 16.06 -26.27
CA GLY D 10 8.48 14.70 -25.87
C GLY D 10 9.71 14.50 -24.99
N LYS D 11 10.59 15.50 -24.92
CA LYS D 11 11.81 15.35 -24.15
C LYS D 11 11.50 15.21 -22.67
N THR D 12 12.02 14.14 -22.07
CA THR D 12 11.82 13.90 -20.64
C THR D 12 12.94 14.54 -19.84
N ILE D 13 12.56 15.30 -18.82
CA ILE D 13 13.55 15.86 -17.88
C ILE D 13 13.36 15.22 -16.50
N THR D 14 14.38 15.38 -15.67
CA THR D 14 14.45 14.72 -14.37
C THR D 14 14.41 15.78 -13.28
N LEU D 15 13.65 15.52 -12.22
CA LEU D 15 13.49 16.44 -11.11
C LEU D 15 13.82 15.70 -9.84
N GLU D 16 14.57 16.38 -8.98
CA GLU D 16 14.89 15.89 -7.64
C GLU D 16 13.86 16.53 -6.71
N VAL D 17 13.00 15.71 -6.11
CA VAL D 17 11.83 16.19 -5.38
C VAL D 17 11.63 15.39 -4.10
N GLU D 18 10.76 15.90 -3.25
CA GLU D 18 10.33 15.17 -2.08
C GLU D 18 8.82 14.92 -2.18
N PRO D 19 8.30 13.88 -1.53
CA PRO D 19 6.86 13.63 -1.64
C PRO D 19 6.05 14.80 -1.15
N SER D 20 6.58 15.60 -0.24
CA SER D 20 5.88 16.72 0.34
C SER D 20 6.12 18.00 -0.44
N ASP D 21 6.87 17.97 -1.52
CA ASP D 21 7.09 19.18 -2.28
C ASP D 21 5.76 19.67 -2.86
N THR D 22 5.56 20.97 -2.80
CA THR D 22 4.38 21.58 -3.36
C THR D 22 4.49 21.64 -4.86
N ILE D 23 3.34 21.83 -5.51
CA ILE D 23 3.31 21.87 -6.97
C ILE D 23 4.08 23.08 -7.48
N GLU D 24 3.98 24.22 -6.81
CA GLU D 24 4.71 25.39 -7.28
C GLU D 24 6.23 25.17 -7.18
N ASN D 25 6.68 24.43 -6.18
CA ASN D 25 8.10 24.09 -6.10
C ASN D 25 8.53 23.24 -7.29
N VAL D 26 7.69 22.28 -7.67
CA VAL D 26 7.98 21.44 -8.83
C VAL D 26 8.05 22.29 -10.09
N LYS D 27 7.09 23.21 -10.25
CA LYS D 27 7.06 24.09 -11.41
C LYS D 27 8.29 24.97 -11.47
N ALA D 28 8.77 25.43 -10.32
CA ALA D 28 10.01 26.19 -10.31
C ALA D 28 11.20 25.34 -10.78
N LYS D 29 11.28 24.09 -10.33
CA LYS D 29 12.35 23.21 -10.80
C LYS D 29 12.21 22.96 -12.28
N ILE D 30 10.97 22.84 -12.79
CA ILE D 30 10.78 22.72 -14.23
C ILE D 30 11.30 23.96 -14.95
N GLN D 31 11.00 25.14 -14.42
CA GLN D 31 11.44 26.36 -15.06
C GLN D 31 12.96 26.48 -15.08
N ASP D 32 13.62 25.97 -14.04
CA ASP D 32 15.06 25.97 -14.02
C ASP D 32 15.66 25.31 -15.27
N LYS D 33 15.04 24.24 -15.72
CA LYS D 33 15.56 23.47 -16.83
C LYS D 33 14.97 23.88 -18.18
N GLU D 34 13.68 24.18 -18.25
CA GLU D 34 13.02 24.41 -19.52
C GLU D 34 12.68 25.87 -19.77
N GLY D 35 12.76 26.73 -18.76
CA GLY D 35 12.56 28.16 -18.98
C GLY D 35 11.11 28.56 -19.16
N ILE D 36 10.17 27.65 -18.99
CA ILE D 36 8.74 27.95 -19.09
C ILE D 36 8.24 28.50 -17.76
N PRO D 37 7.59 29.66 -17.74
CA PRO D 37 7.07 30.20 -16.47
C PRO D 37 6.07 29.27 -15.81
N PRO D 38 6.09 29.19 -14.48
CA PRO D 38 5.10 28.32 -13.78
C PRO D 38 3.64 28.67 -14.12
N ASP D 39 3.34 29.94 -14.43
CA ASP D 39 1.96 30.30 -14.76
C ASP D 39 1.53 29.74 -16.10
N GLN D 40 2.47 29.50 -17.02
CA GLN D 40 2.11 28.90 -18.29
C GLN D 40 2.06 27.37 -18.24
N GLN D 41 2.65 26.76 -17.21
CA GLN D 41 2.74 25.30 -17.16
C GLN D 41 1.45 24.65 -16.72
N ARG D 42 1.02 23.62 -17.43
CA ARG D 42 -0.02 22.70 -16.95
C ARG D 42 0.57 21.30 -16.85
N LEU D 43 0.50 20.73 -15.66
CA LEU D 43 1.07 19.42 -15.39
C LEU D 43 -0.09 18.44 -15.21
N ILE D 44 0.03 17.29 -15.85
CA ILE D 44 -1.00 16.27 -15.79
C ILE D 44 -0.40 15.01 -15.21
N PHE D 45 -1.11 14.41 -14.27
CA PHE D 45 -0.77 13.08 -13.79
C PHE D 45 -2.06 12.37 -13.43
N ALA D 46 -2.25 11.17 -13.96
CA ALA D 46 -3.36 10.30 -13.58
C ALA D 46 -4.70 11.06 -13.63
N GLY D 47 -4.91 11.79 -14.70
CA GLY D 47 -6.23 12.43 -14.79
C GLY D 47 -6.52 13.53 -13.78
N LYS D 48 -5.50 14.07 -13.13
CA LYS D 48 -5.56 15.28 -12.34
C LYS D 48 -4.57 16.26 -12.96
N GLN D 49 -4.99 17.50 -13.14
CA GLN D 49 -4.07 18.58 -13.40
C GLN D 49 -3.61 19.10 -12.04
N LEU D 50 -2.31 19.29 -11.91
CA LEU D 50 -1.71 19.56 -10.61
C LEU D 50 -1.84 21.04 -10.26
N GLU D 51 -2.30 21.32 -9.06
CA GLU D 51 -2.69 22.66 -8.66
C GLU D 51 -1.76 23.21 -7.57
N ASP D 52 -1.36 24.45 -7.72
CA ASP D 52 -0.54 25.09 -6.70
C ASP D 52 -1.25 24.97 -5.36
N GLY D 53 -0.47 24.67 -4.30
CA GLY D 53 -0.98 24.53 -2.95
C GLY D 53 -0.96 23.11 -2.43
N ARG D 54 -1.07 22.13 -3.32
CA ARG D 54 -1.05 20.71 -3.00
C ARG D 54 0.38 20.19 -3.15
N THR D 55 0.58 18.97 -2.68
CA THR D 55 1.88 18.33 -2.74
C THR D 55 1.85 17.15 -3.70
N LEU D 56 3.05 16.62 -3.97
CA LEU D 56 3.16 15.48 -4.85
C LEU D 56 2.40 14.28 -4.29
N SER D 57 2.49 14.07 -3.00
CA SER D 57 1.78 12.95 -2.40
C SER D 57 0.27 13.13 -2.49
N ASP D 58 -0.22 14.38 -2.46
CA ASP D 58 -1.67 14.60 -2.63
C ASP D 58 -2.18 13.98 -3.93
N TYR D 59 -1.37 14.02 -4.99
CA TYR D 59 -1.77 13.47 -6.26
C TYR D 59 -1.26 12.05 -6.48
N ASN D 60 -0.70 11.43 -5.44
CA ASN D 60 -0.19 10.07 -5.52
C ASN D 60 0.94 9.94 -6.54
N ILE D 61 1.79 10.96 -6.62
CA ILE D 61 2.93 10.95 -7.53
C ILE D 61 4.12 10.35 -6.80
N GLN D 62 4.46 9.12 -7.13
CA GLN D 62 5.51 8.42 -6.42
C GLN D 62 6.77 8.41 -7.26
N LYS D 63 7.82 7.83 -6.68
CA LYS D 63 9.13 7.90 -7.31
C LYS D 63 9.06 7.33 -8.72
N GLU D 64 9.72 8.02 -9.64
CA GLU D 64 9.87 7.63 -11.03
C GLU D 64 8.58 7.76 -11.83
N SER D 65 7.56 8.36 -11.26
CA SER D 65 6.36 8.73 -12.00
C SER D 65 6.73 9.77 -13.04
N THR D 66 5.96 9.80 -14.12
CA THR D 66 6.17 10.77 -15.20
C THR D 66 4.96 11.69 -15.22
N LEU D 67 5.20 12.96 -14.92
CA LEU D 67 4.24 14.02 -15.18
C LEU D 67 4.29 14.43 -16.65
N HIS D 68 3.20 15.00 -17.14
CA HIS D 68 3.08 15.45 -18.52
C HIS D 68 2.80 16.93 -18.58
N LEU D 69 3.69 17.67 -19.24
CA LEU D 69 3.63 19.12 -19.32
C LEU D 69 3.00 19.56 -20.63
N VAL D 70 2.01 20.47 -20.54
CA VAL D 70 1.34 21.07 -21.69
C VAL D 70 1.12 22.54 -21.41
N LEU D 71 0.88 23.29 -22.48
CA LEU D 71 0.56 24.71 -22.46
C LEU D 71 -0.94 24.88 -22.69
N ARG D 72 -1.37 26.11 -22.97
CA ARG D 72 -2.77 26.44 -23.17
C ARG D 72 -3.00 26.94 -24.58
N LEU D 73 -4.04 26.41 -25.22
CA LEU D 73 -4.64 27.01 -26.41
C LEU D 73 -5.95 27.59 -25.95
N ARG D 74 -5.94 28.87 -25.64
CA ARG D 74 -7.15 29.55 -25.19
C ARG D 74 -8.05 29.88 -26.37
N GLY D 75 -9.35 29.81 -26.15
CA GLY D 75 -10.34 30.17 -27.16
C GLY D 75 -11.65 30.46 -26.49
N GLY D 76 -12.46 31.35 -27.04
CA GLY D 76 -13.75 31.58 -26.38
C GLY D 76 -14.80 32.06 -27.34
N GLY D 77 -14.43 32.31 -28.58
CA GLY D 77 -15.44 32.86 -29.50
C GLY D 77 -14.85 33.49 -30.74
N GLY D 78 -15.46 33.15 -31.88
CA GLY D 78 -15.07 33.59 -33.23
C GLY D 78 -15.83 32.77 -34.24
N GLY D 79 -17.10 32.47 -33.95
CA GLY D 79 -18.01 31.66 -34.77
C GLY D 79 -19.20 31.20 -33.94
#